data_9HLF
#
_entry.id   9HLF
#
_cell.length_a   80.760
_cell.length_b   80.850
_cell.length_c   170.847
_cell.angle_alpha   90.00
_cell.angle_beta   90.00
_cell.angle_gamma   90.00
#
_symmetry.space_group_name_H-M   'P 21 21 21'
#
loop_
_entity.id
_entity.type
_entity.pdbx_description
1 polymer 'N-glycosylase/DNA lyase'
2 non-polymer ~{N}-(3,4-dichlorophenyl)pyridin-4-amine
3 non-polymer 'PHOSPHATE ION'
4 non-polymer 'NICKEL (II) ION'
5 non-polymer 'SULFATE ION'
6 water water
#
_entity_poly.entity_id   1
_entity_poly.type   'polypeptide(L)'
_entity_poly.pdbx_seq_one_letter_code
;GSHMRHRTLSSSPALWASIPCPRSELRLDLVLASGQSFRWKEQSPAHWSGVLADQVWTLTQTEDQLYCTVYRGDDSQVSR
PTLEELETLHKYFQLDVSLAQLYSHWASVDSHFQRVAQKFQGVRLLRQDPTECLFSFICSSNNNIARITGMVERLCQAFG
PRLIQLDDVTYHGFPNLHALAGPEAETHLRKLGLGYRARYVRASAKAILEEQGGPAWLQQLRVAPYEEAHKALCTLPGVG
AKVADCICLMALDKPQAVPVDVHVWQIAHRDYGWHPKTSQAKGPSPLANKELGNFFRNLWGPYAGWAQAVLFSADLRQ
;
_entity_poly.pdbx_strand_id   A,B,C
#
# COMPACT_ATOMS: atom_id res chain seq x y z
N HIS A 3 23.30 31.25 28.65
CA HIS A 3 24.57 31.86 28.13
C HIS A 3 24.46 31.93 26.61
N MET A 4 25.35 31.22 25.90
CA MET A 4 25.35 31.18 24.44
C MET A 4 24.18 30.32 23.95
N ARG A 5 23.72 30.55 22.72
CA ARG A 5 22.51 29.89 22.25
C ARG A 5 22.73 29.27 20.86
N HIS A 6 21.78 28.41 20.47
CA HIS A 6 21.74 27.78 19.16
C HIS A 6 21.48 28.83 18.09
N ARG A 7 22.36 28.85 17.09
CA ARG A 7 22.30 29.82 15.99
C ARG A 7 21.21 29.43 14.98
N THR A 8 20.58 30.46 14.41
CA THR A 8 19.82 30.33 13.18
C THR A 8 20.59 31.04 12.07
N LEU A 9 20.09 30.89 10.84
CA LEU A 9 20.76 31.45 9.67
C LEU A 9 20.55 32.95 9.69
N SER A 10 19.39 33.39 10.18
CA SER A 10 19.04 34.80 10.31
C SER A 10 19.77 35.44 11.49
N SER A 11 19.90 34.70 12.61
CA SER A 11 20.42 35.25 13.85
C SER A 11 21.84 35.78 13.67
N SER A 12 22.71 34.98 13.04
CA SER A 12 24.13 35.25 13.02
C SER A 12 24.71 34.93 11.65
N PRO A 13 24.23 35.58 10.57
CA PRO A 13 24.60 35.20 9.21
C PRO A 13 26.09 35.29 8.90
N ALA A 14 26.83 36.06 9.71
CA ALA A 14 28.28 36.17 9.59
C ALA A 14 28.96 34.81 9.72
N LEU A 15 28.55 34.03 10.74
CA LEU A 15 29.32 32.89 11.21
C LEU A 15 29.06 31.64 10.36
N TRP A 16 28.02 31.69 9.52
CA TRP A 16 27.69 30.58 8.64
C TRP A 16 28.58 30.58 7.42
N ALA A 17 28.97 29.38 6.97
CA ALA A 17 29.58 29.17 5.66
C ALA A 17 28.67 28.23 4.85
N SER A 18 29.07 27.87 3.62
CA SER A 18 28.20 27.07 2.78
C SER A 18 29.00 26.16 1.85
N ILE A 19 28.44 24.98 1.57
CA ILE A 19 28.94 24.06 0.56
C ILE A 19 27.86 23.91 -0.51
N PRO A 20 28.19 24.07 -1.81
CA PRO A 20 27.19 23.99 -2.88
C PRO A 20 26.66 22.56 -3.00
N CYS A 21 25.38 22.39 -2.68
CA CYS A 21 24.77 21.07 -2.61
C CYS A 21 23.27 21.17 -2.85
N PRO A 22 22.76 20.66 -4.00
CA PRO A 22 21.32 20.70 -4.29
C PRO A 22 20.54 19.85 -3.29
N ARG A 23 19.27 20.24 -3.05
CA ARG A 23 18.37 19.51 -2.17
C ARG A 23 18.05 18.14 -2.76
N SER A 24 18.34 17.94 -4.05
CA SER A 24 18.15 16.65 -4.69
C SER A 24 19.26 15.66 -4.31
N GLU A 25 20.42 16.19 -3.88
CA GLU A 25 21.56 15.37 -3.51
C GLU A 25 21.54 15.03 -2.02
N LEU A 26 20.81 15.82 -1.22
CA LEU A 26 20.83 15.69 0.23
C LEU A 26 19.65 16.44 0.83
N ARG A 27 18.79 15.72 1.55
CA ARG A 27 17.73 16.34 2.35
C ARG A 27 18.01 16.07 3.82
N LEU A 28 18.51 17.09 4.52
CA LEU A 28 18.83 17.01 5.94
C LEU A 28 17.68 16.39 6.73
N ASP A 29 16.44 16.82 6.43
CA ASP A 29 15.28 16.43 7.19
C ASP A 29 14.97 14.94 7.04
N LEU A 30 15.54 14.29 6.01
CA LEU A 30 15.30 12.88 5.77
C LEU A 30 16.49 12.03 6.18
N VAL A 31 17.64 12.65 6.45
CA VAL A 31 18.90 11.92 6.61
C VAL A 31 19.36 11.94 8.07
N LEU A 32 19.11 13.05 8.77
CA LEU A 32 19.65 13.25 10.11
C LEU A 32 18.70 12.68 11.17
N ALA A 33 17.42 12.45 10.81
CA ALA A 33 16.47 11.79 11.70
C ALA A 33 16.07 10.42 11.16
N SER A 34 16.78 9.94 10.14
CA SER A 34 16.48 8.70 9.45
C SER A 34 16.85 7.48 10.28
N GLY A 35 17.61 7.70 11.36
CA GLY A 35 18.06 6.62 12.23
C GLY A 35 19.41 6.06 11.82
N GLN A 36 20.20 6.86 11.08
CA GLN A 36 21.60 6.55 10.84
C GLN A 36 22.40 7.05 12.04
N SER A 37 22.30 8.35 12.28
CA SER A 37 22.83 8.97 13.48
C SER A 37 21.65 9.31 14.40
N PHE A 38 21.92 9.34 15.71
CA PHE A 38 20.90 9.64 16.69
C PHE A 38 21.33 10.85 17.52
N ARG A 39 22.24 11.66 16.96
CA ARG A 39 22.89 12.75 17.67
C ARG A 39 22.50 14.10 17.08
N TRP A 40 21.59 14.10 16.09
CA TRP A 40 21.10 15.33 15.48
C TRP A 40 19.68 15.62 15.95
N LYS A 41 19.44 16.88 16.35
CA LYS A 41 18.10 17.35 16.68
C LYS A 41 17.81 18.66 15.95
N GLU A 42 16.53 18.85 15.62
CA GLU A 42 16.04 20.06 14.99
C GLU A 42 15.68 21.06 16.09
N GLN A 43 16.69 21.81 16.56
CA GLN A 43 16.55 22.65 17.73
C GLN A 43 15.61 23.81 17.43
N SER A 44 15.93 24.57 16.38
CA SER A 44 15.00 25.54 15.81
C SER A 44 14.58 25.05 14.43
N PRO A 45 13.30 25.24 14.02
CA PRO A 45 12.82 24.78 12.71
C PRO A 45 13.83 24.84 11.55
N ALA A 46 14.05 23.67 10.92
CA ALA A 46 14.90 23.51 9.76
C ALA A 46 16.37 23.73 10.08
N HIS A 47 16.73 23.67 11.38
CA HIS A 47 18.09 23.90 11.83
C HIS A 47 18.54 22.72 12.68
N TRP A 48 19.48 21.93 12.14
CA TRP A 48 19.87 20.66 12.72
C TRP A 48 21.20 20.81 13.45
N SER A 49 21.20 20.54 14.75
CA SER A 49 22.41 20.63 15.57
C SER A 49 22.79 19.25 16.09
N GLY A 50 24.10 18.97 16.09
CA GLY A 50 24.64 17.72 16.59
C GLY A 50 26.17 17.79 16.65
N VAL A 51 26.79 16.75 17.20
CA VAL A 51 28.24 16.80 17.40
C VAL A 51 28.93 15.94 16.35
N LEU A 52 30.10 16.41 15.91
CA LEU A 52 31.01 15.64 15.06
C LEU A 52 32.40 15.67 15.70
N ALA A 53 32.86 14.48 16.10
CA ALA A 53 34.09 14.27 16.82
C ALA A 53 34.04 15.02 18.16
N ASP A 54 34.86 16.05 18.31
CA ASP A 54 34.91 16.86 19.51
C ASP A 54 34.44 18.28 19.18
N GLN A 55 33.40 18.39 18.34
CA GLN A 55 32.94 19.69 17.88
C GLN A 55 31.45 19.63 17.61
N VAL A 56 30.76 20.74 17.88
CA VAL A 56 29.34 20.87 17.58
C VAL A 56 29.19 21.55 16.23
N TRP A 57 28.04 21.28 15.57
CA TRP A 57 27.66 21.96 14.35
C TRP A 57 26.17 22.29 14.43
N THR A 58 25.76 23.32 13.68
CA THR A 58 24.37 23.47 13.31
C THR A 58 24.29 23.58 11.79
N LEU A 59 23.30 22.89 11.20
CA LEU A 59 23.20 22.76 9.76
C LEU A 59 21.79 23.16 9.30
N THR A 60 21.72 23.78 8.12
CA THR A 60 20.46 24.06 7.44
C THR A 60 20.77 24.26 5.96
N GLN A 61 19.75 24.19 5.10
CA GLN A 61 19.97 24.20 3.66
C GLN A 61 18.87 24.98 2.94
N THR A 62 19.19 25.40 1.71
CA THR A 62 18.23 25.98 0.79
C THR A 62 17.97 24.96 -0.32
N GLU A 63 17.52 25.43 -1.48
CA GLU A 63 17.28 24.55 -2.62
C GLU A 63 18.60 24.20 -3.30
N ASP A 64 19.62 25.04 -3.14
CA ASP A 64 20.89 24.84 -3.83
C ASP A 64 22.09 24.88 -2.88
N GLN A 65 21.91 25.26 -1.61
CA GLN A 65 23.06 25.47 -0.73
C GLN A 65 22.85 24.77 0.63
N LEU A 66 23.95 24.24 1.16
CA LEU A 66 24.01 23.66 2.50
C LEU A 66 24.74 24.64 3.42
N TYR A 67 23.98 25.37 4.23
CA TYR A 67 24.53 26.36 5.15
C TYR A 67 24.87 25.69 6.47
N CYS A 68 26.05 25.99 7.00
CA CYS A 68 26.57 25.28 8.16
C CYS A 68 27.47 26.21 8.98
N THR A 69 27.51 25.98 10.31
CA THR A 69 28.39 26.71 11.21
C THR A 69 28.90 25.78 12.31
N VAL A 70 30.01 26.19 12.96
CA VAL A 70 30.68 25.36 13.95
C VAL A 70 30.75 26.12 15.28
N TYR A 71 30.81 25.34 16.38
CA TYR A 71 31.07 25.85 17.71
C TYR A 71 32.20 25.01 18.30
N ARG A 72 33.40 25.58 18.40
CA ARG A 72 34.58 24.83 18.81
C ARG A 72 34.47 24.39 20.28
N GLY A 73 33.91 25.25 21.13
CA GLY A 73 33.55 24.86 22.48
C GLY A 73 34.45 25.48 23.55
N ASP A 74 35.77 25.50 23.30
CA ASP A 74 36.74 25.88 24.31
C ASP A 74 36.55 27.35 24.70
N SER A 76 37.09 30.45 23.07
CA SER A 76 37.92 30.95 21.94
C SER A 76 37.04 31.71 20.96
N GLN A 77 37.69 32.40 20.00
CA GLN A 77 36.99 33.25 19.06
C GLN A 77 36.04 32.41 18.19
N VAL A 78 34.74 32.67 18.33
CA VAL A 78 33.72 32.10 17.47
C VAL A 78 33.94 32.65 16.06
N SER A 79 34.15 31.74 15.09
CA SER A 79 34.38 32.12 13.71
C SER A 79 33.58 31.20 12.79
N ARG A 80 33.85 31.27 11.48
CA ARG A 80 33.12 30.47 10.52
C ARG A 80 33.94 29.22 10.20
N PRO A 81 33.27 28.11 9.81
CA PRO A 81 33.97 26.87 9.45
C PRO A 81 35.21 27.11 8.61
N THR A 82 36.32 26.45 8.98
CA THR A 82 37.55 26.52 8.20
C THR A 82 37.36 25.68 6.94
N LEU A 83 38.43 25.51 6.15
CA LEU A 83 38.40 24.69 4.95
C LEU A 83 38.39 23.20 5.35
N GLU A 84 39.32 22.82 6.21
CA GLU A 84 39.46 21.43 6.65
C GLU A 84 38.20 20.98 7.38
N GLU A 85 37.63 21.90 8.16
CA GLU A 85 36.37 21.65 8.85
C GLU A 85 35.26 21.34 7.85
N LEU A 86 35.30 21.99 6.68
CA LEU A 86 34.29 21.78 5.65
C LEU A 86 34.61 20.53 4.83
N GLU A 87 35.89 20.17 4.70
CA GLU A 87 36.27 18.90 4.08
C GLU A 87 35.70 17.74 4.91
N THR A 88 35.78 17.89 6.24
CA THR A 88 35.23 16.93 7.17
C THR A 88 33.74 16.72 6.87
N LEU A 89 33.01 17.84 6.74
CA LEU A 89 31.56 17.81 6.55
C LEU A 89 31.24 17.19 5.20
N HIS A 90 32.02 17.55 4.18
CA HIS A 90 31.86 17.02 2.83
C HIS A 90 31.99 15.49 2.86
N LYS A 91 32.99 15.00 3.59
CA LYS A 91 33.27 13.57 3.70
C LYS A 91 32.15 12.87 4.46
N TYR A 92 31.71 13.47 5.57
CA TYR A 92 30.63 12.93 6.39
C TYR A 92 29.43 12.58 5.51
N PHE A 93 29.13 13.46 4.53
CA PHE A 93 27.95 13.29 3.68
C PHE A 93 28.31 12.57 2.38
N GLN A 94 29.58 12.16 2.22
CA GLN A 94 30.01 11.40 1.06
C GLN A 94 29.50 12.05 -0.21
N LEU A 95 29.82 13.34 -0.39
CA LEU A 95 29.21 14.16 -1.42
C LEU A 95 29.91 13.96 -2.76
N ASP A 96 31.10 13.33 -2.76
CA ASP A 96 31.72 12.88 -3.99
C ASP A 96 30.71 12.08 -4.82
N VAL A 97 29.94 11.22 -4.14
CA VAL A 97 29.07 10.26 -4.79
C VAL A 97 27.80 10.96 -5.31
N SER A 98 27.49 10.75 -6.59
CA SER A 98 26.32 11.37 -7.22
C SER A 98 25.08 10.53 -6.94
N LEU A 99 24.13 11.13 -6.21
CA LEU A 99 22.91 10.46 -5.82
C LEU A 99 21.93 10.42 -6.99
N ALA A 100 21.96 11.47 -7.84
CA ALA A 100 21.09 11.54 -8.99
C ALA A 100 21.37 10.37 -9.94
N GLN A 101 22.65 9.99 -10.03
CA GLN A 101 23.06 8.88 -10.88
C GLN A 101 22.59 7.56 -10.28
N LEU A 102 22.68 7.43 -8.96
CA LEU A 102 22.31 6.19 -8.28
C LEU A 102 20.79 5.99 -8.37
N TYR A 103 20.01 7.05 -8.12
CA TYR A 103 18.56 6.98 -8.24
C TYR A 103 18.20 6.51 -9.64
N SER A 104 18.79 7.15 -10.66
CA SER A 104 18.53 6.82 -12.05
C SER A 104 18.85 5.35 -12.33
N HIS A 105 20.00 4.88 -11.83
CA HIS A 105 20.43 3.52 -12.06
C HIS A 105 19.45 2.52 -11.44
N TRP A 106 19.05 2.78 -10.20
CA TRP A 106 18.15 1.90 -9.47
C TRP A 106 16.77 1.88 -10.15
N ALA A 107 16.24 3.07 -10.43
CA ALA A 107 14.94 3.22 -11.06
C ALA A 107 14.86 2.41 -12.35
N SER A 108 15.99 2.30 -13.07
CA SER A 108 16.03 1.64 -14.36
C SER A 108 15.82 0.14 -14.21
N VAL A 109 16.21 -0.43 -13.07
CA VAL A 109 16.17 -1.88 -12.87
C VAL A 109 15.06 -2.27 -11.91
N ASP A 110 14.31 -1.28 -11.38
CA ASP A 110 13.39 -1.52 -10.28
C ASP A 110 12.24 -0.53 -10.36
N SER A 111 11.10 -0.98 -10.91
CA SER A 111 9.96 -0.12 -11.17
C SER A 111 9.30 0.31 -9.86
N HIS A 112 9.39 -0.52 -8.82
CA HIS A 112 8.88 -0.16 -7.50
C HIS A 112 9.67 1.04 -6.96
N PHE A 113 10.99 0.96 -7.07
CA PHE A 113 11.87 2.03 -6.61
C PHE A 113 11.50 3.33 -7.31
N GLN A 114 11.21 3.25 -8.62
CA GLN A 114 10.88 4.41 -9.43
C GLN A 114 9.68 5.14 -8.83
N ARG A 115 8.67 4.40 -8.38
CA ARG A 115 7.44 4.98 -7.88
C ARG A 115 7.66 5.62 -6.51
N VAL A 116 8.56 5.03 -5.71
CA VAL A 116 8.71 5.40 -4.31
C VAL A 116 9.73 6.54 -4.17
N ALA A 117 10.82 6.48 -4.94
CA ALA A 117 11.93 7.40 -4.81
C ALA A 117 11.53 8.83 -5.20
N GLN A 118 10.51 8.97 -6.06
CA GLN A 118 10.08 10.27 -6.55
C GLN A 118 9.85 11.26 -5.41
N LYS A 119 9.14 10.81 -4.38
CA LYS A 119 8.68 11.65 -3.28
C LYS A 119 9.75 11.79 -2.20
N PHE A 120 10.88 11.07 -2.33
CA PHE A 120 11.89 11.01 -1.30
C PHE A 120 13.28 11.09 -1.92
N GLN A 121 13.64 12.29 -2.38
CA GLN A 121 14.96 12.51 -2.98
C GLN A 121 15.93 12.91 -1.87
N GLY A 122 17.24 12.82 -2.17
CA GLY A 122 18.28 13.34 -1.29
C GLY A 122 18.47 12.47 -0.06
N VAL A 123 18.19 11.16 -0.18
CA VAL A 123 18.47 10.22 0.89
C VAL A 123 19.82 9.56 0.58
N ARG A 124 20.85 9.93 1.35
CA ARG A 124 22.18 9.37 1.20
C ARG A 124 22.64 8.80 2.54
N LEU A 125 23.79 8.12 2.53
CA LEU A 125 24.35 7.55 3.74
C LEU A 125 25.42 8.50 4.29
N LEU A 126 25.42 8.64 5.62
CA LEU A 126 26.47 9.34 6.34
C LEU A 126 27.67 8.40 6.46
N ARG A 127 28.86 8.99 6.58
CA ARG A 127 30.07 8.25 6.88
C ARG A 127 30.42 8.51 8.35
N GLN A 128 29.98 7.58 9.21
CA GLN A 128 30.04 7.79 10.65
C GLN A 128 31.35 7.25 11.22
N ASP A 129 31.74 7.75 12.39
CA ASP A 129 32.84 7.20 13.16
C ASP A 129 32.47 5.77 13.58
N PRO A 130 33.31 4.76 13.25
CA PRO A 130 33.03 3.37 13.64
C PRO A 130 32.58 3.16 15.09
N THR A 131 33.29 3.79 16.03
CA THR A 131 33.02 3.61 17.45
C THR A 131 31.60 4.08 17.76
N GLU A 132 31.31 5.33 17.40
CA GLU A 132 30.00 5.92 17.64
C GLU A 132 28.91 5.07 17.02
N CYS A 133 29.18 4.55 15.83
CA CYS A 133 28.22 3.76 15.08
C CYS A 133 27.99 2.43 15.79
N LEU A 134 29.07 1.75 16.15
CA LEU A 134 29.01 0.43 16.74
C LEU A 134 28.10 0.45 17.98
N PHE A 135 28.41 1.34 18.93
CA PHE A 135 27.73 1.33 20.21
C PHE A 135 26.31 1.88 20.07
N SER A 136 26.11 2.79 19.11
CA SER A 136 24.78 3.30 18.81
C SER A 136 23.88 2.16 18.35
N PHE A 137 24.42 1.24 17.54
CA PHE A 137 23.62 0.20 16.93
C PHE A 137 23.55 -1.04 17.81
N ILE A 138 24.37 -1.11 18.87
CA ILE A 138 24.18 -2.12 19.90
C ILE A 138 22.93 -1.77 20.70
N CYS A 139 22.68 -0.46 20.87
CA CYS A 139 21.56 0.03 21.63
C CYS A 139 20.26 -0.04 20.83
N SER A 140 20.29 -0.65 19.64
CA SER A 140 19.22 -0.49 18.66
C SER A 140 18.34 -1.75 18.57
N SER A 141 18.83 -2.85 19.13
CA SER A 141 18.09 -4.10 19.10
C SER A 141 16.79 -3.94 19.89
N ASN A 142 15.67 -4.27 19.24
CA ASN A 142 14.36 -4.32 19.87
C ASN A 142 14.02 -2.93 20.43
N ASN A 143 14.15 -1.90 19.59
CA ASN A 143 14.08 -0.52 20.05
C ASN A 143 13.64 0.38 18.90
N ASN A 144 13.27 1.62 19.23
CA ASN A 144 12.82 2.59 18.24
C ASN A 144 13.74 3.80 18.28
N ILE A 145 13.70 4.62 17.22
CA ILE A 145 14.63 5.73 17.04
C ILE A 145 14.61 6.64 18.28
N ALA A 146 13.39 6.90 18.78
CA ALA A 146 13.20 7.80 19.92
C ALA A 146 13.99 7.32 21.13
N ARG A 147 13.86 6.03 21.44
CA ARG A 147 14.48 5.46 22.64
C ARG A 147 15.99 5.39 22.47
N ILE A 148 16.47 5.03 21.28
CA ILE A 148 17.89 4.90 21.00
C ILE A 148 18.54 6.28 21.15
N THR A 149 17.94 7.29 20.51
CA THR A 149 18.38 8.66 20.61
C THR A 149 18.61 9.03 22.08
N GLY A 150 17.63 8.67 22.92
CA GLY A 150 17.70 8.93 24.34
C GLY A 150 18.91 8.24 25.00
N MET A 151 19.00 6.92 24.79
CA MET A 151 20.04 6.11 25.40
C MET A 151 21.43 6.65 25.03
N VAL A 152 21.61 7.02 23.76
CA VAL A 152 22.90 7.46 23.26
C VAL A 152 23.26 8.82 23.87
N GLU A 153 22.26 9.68 24.07
CA GLU A 153 22.52 11.00 24.64
C GLU A 153 22.99 10.84 26.08
N ARG A 154 22.24 10.06 26.86
CA ARG A 154 22.55 9.81 28.26
C ARG A 154 23.91 9.15 28.40
N LEU A 155 24.23 8.25 27.46
CA LEU A 155 25.49 7.52 27.46
C LEU A 155 26.66 8.49 27.25
N CYS A 156 26.50 9.43 26.31
CA CYS A 156 27.54 10.40 26.01
C CYS A 156 27.72 11.38 27.16
N GLN A 157 26.61 11.78 27.78
CA GLN A 157 26.63 12.72 28.89
C GLN A 157 27.42 12.14 30.06
N ALA A 158 27.19 10.85 30.35
CA ALA A 158 27.71 10.20 31.54
C ALA A 158 29.16 9.75 31.36
N PHE A 159 29.57 9.43 30.12
CA PHE A 159 30.86 8.82 29.87
C PHE A 159 31.76 9.69 28.99
N GLY A 160 31.17 10.59 28.19
CA GLY A 160 31.93 11.34 27.20
C GLY A 160 32.35 12.71 27.69
N PRO A 161 33.39 13.34 27.10
CA PRO A 161 33.82 14.68 27.50
C PRO A 161 32.80 15.76 27.14
N ARG A 162 32.52 16.64 28.10
CA ARG A 162 31.70 17.83 27.87
C ARG A 162 32.42 18.74 26.87
N LEU A 163 31.65 19.32 25.95
CA LEU A 163 32.20 20.16 24.88
C LEU A 163 31.75 21.60 25.07
N ILE A 164 30.43 21.84 25.05
CA ILE A 164 29.86 23.17 25.15
C ILE A 164 28.40 23.06 25.60
N GLN A 165 27.86 24.15 26.15
CA GLN A 165 26.44 24.25 26.41
C GLN A 165 25.83 25.32 25.50
N LEU A 166 24.71 24.95 24.85
CA LEU A 166 23.89 25.90 24.11
C LEU A 166 22.46 25.75 24.58
N ASP A 167 21.84 26.87 24.97
CA ASP A 167 20.50 26.85 25.54
C ASP A 167 20.50 25.88 26.73
N ASP A 168 19.60 24.89 26.70
CA ASP A 168 19.43 23.96 27.81
C ASP A 168 20.18 22.66 27.54
N VAL A 169 20.88 22.59 26.40
CA VAL A 169 21.46 21.34 25.93
C VAL A 169 22.98 21.39 26.12
N THR A 170 23.52 20.34 26.76
CA THR A 170 24.95 20.22 27.01
C THR A 170 25.48 19.10 26.13
N TYR A 171 26.35 19.47 25.17
CA TYR A 171 26.82 18.54 24.16
C TYR A 171 28.10 17.87 24.63
N HIS A 172 28.12 16.54 24.56
CA HIS A 172 29.28 15.74 24.92
C HIS A 172 29.79 15.00 23.69
N GLY A 173 31.10 14.78 23.62
CA GLY A 173 31.68 13.89 22.63
C GLY A 173 31.28 12.44 22.90
N PHE A 174 31.56 11.57 21.94
CA PHE A 174 31.28 10.15 22.11
C PHE A 174 32.41 9.53 22.91
N PRO A 175 32.12 8.69 23.92
CA PRO A 175 33.16 8.10 24.76
C PRO A 175 34.17 7.25 23.98
N ASN A 176 35.39 7.17 24.51
CA ASN A 176 36.38 6.23 24.00
C ASN A 176 36.10 4.86 24.60
N LEU A 177 36.78 3.85 24.05
CA LEU A 177 36.54 2.46 24.43
C LEU A 177 36.86 2.27 25.91
N HIS A 178 38.02 2.78 26.34
CA HIS A 178 38.49 2.63 27.71
C HIS A 178 37.39 3.05 28.69
N ALA A 179 36.70 4.15 28.37
CA ALA A 179 35.67 4.71 29.23
C ALA A 179 34.50 3.75 29.41
N LEU A 180 34.20 2.97 28.36
CA LEU A 180 33.07 2.05 28.38
C LEU A 180 33.49 0.66 28.89
N ALA A 181 34.80 0.42 29.00
CA ALA A 181 35.32 -0.90 29.30
C ALA A 181 35.43 -1.14 30.81
N GLY A 182 35.28 -0.08 31.61
CA GLY A 182 35.61 -0.14 33.03
C GLY A 182 34.69 -1.06 33.82
N PRO A 183 35.04 -1.41 35.09
CA PRO A 183 34.26 -2.35 35.89
C PRO A 183 32.85 -1.91 36.28
N GLU A 184 32.66 -0.62 36.57
CA GLU A 184 31.35 -0.11 36.96
C GLU A 184 30.59 0.43 35.75
N ALA A 185 30.98 -0.01 34.55
CA ALA A 185 30.43 0.50 33.31
C ALA A 185 29.01 -0.02 33.11
N GLU A 186 28.82 -1.34 33.19
CA GLU A 186 27.51 -1.95 32.98
C GLU A 186 26.51 -1.40 34.00
N THR A 187 26.93 -1.40 35.27
CA THR A 187 26.05 -0.98 36.36
C THR A 187 25.50 0.41 36.08
N HIS A 188 26.42 1.33 35.74
CA HIS A 188 26.09 2.73 35.48
C HIS A 188 25.19 2.84 34.25
N LEU A 189 25.49 2.04 33.21
CA LEU A 189 24.72 2.04 31.98
C LEU A 189 23.33 1.49 32.22
N ARG A 190 23.21 0.49 33.10
CA ARG A 190 21.92 -0.11 33.43
C ARG A 190 21.04 0.92 34.15
N LYS A 191 21.68 1.83 34.89
CA LYS A 191 21.00 2.93 35.55
C LYS A 191 20.38 3.87 34.52
N LEU A 192 20.98 3.92 33.32
CA LEU A 192 20.57 4.85 32.28
C LEU A 192 19.50 4.26 31.37
N GLY A 193 19.11 2.99 31.62
CA GLY A 193 17.90 2.43 31.05
C GLY A 193 18.16 1.67 29.74
N LEU A 194 19.40 1.22 29.53
CA LEU A 194 19.77 0.44 28.36
C LEU A 194 19.30 -1.00 28.54
N GLY A 195 19.13 -1.43 29.78
CA GLY A 195 18.68 -2.79 30.08
C GLY A 195 19.76 -3.80 29.71
N TYR A 196 19.37 -4.85 28.97
CA TYR A 196 20.28 -5.91 28.58
C TYR A 196 21.46 -5.35 27.78
N ARG A 197 21.21 -4.26 27.04
CA ARG A 197 22.17 -3.71 26.10
C ARG A 197 23.40 -3.19 26.83
N ALA A 198 23.29 -2.91 28.13
CA ALA A 198 24.41 -2.42 28.93
C ALA A 198 25.54 -3.45 28.96
N ARG A 199 25.19 -4.73 29.10
CA ARG A 199 26.17 -5.80 29.14
C ARG A 199 26.98 -5.78 27.84
N TYR A 200 26.27 -5.68 26.71
CA TYR A 200 26.88 -5.79 25.39
C TYR A 200 27.80 -4.60 25.13
N VAL A 201 27.43 -3.41 25.61
CA VAL A 201 28.26 -2.23 25.43
C VAL A 201 29.60 -2.45 26.12
N ARG A 202 29.58 -2.72 27.43
CA ARG A 202 30.80 -2.92 28.19
C ARG A 202 31.63 -4.05 27.57
N ALA A 203 30.97 -5.19 27.39
CA ALA A 203 31.62 -6.38 26.86
C ALA A 203 32.32 -6.08 25.54
N SER A 204 31.63 -5.39 24.63
CA SER A 204 32.18 -5.09 23.32
C SER A 204 33.35 -4.12 23.41
N ALA A 205 33.29 -3.17 24.34
CA ALA A 205 34.38 -2.24 24.56
C ALA A 205 35.61 -2.98 25.10
N LYS A 206 35.38 -3.81 26.13
CA LYS A 206 36.43 -4.64 26.70
C LYS A 206 37.03 -5.57 25.64
N ALA A 207 36.17 -6.09 24.76
CA ALA A 207 36.60 -7.00 23.71
C ALA A 207 37.48 -6.28 22.70
N ILE A 208 37.05 -5.12 22.21
CA ILE A 208 37.75 -4.42 21.13
C ILE A 208 39.16 -4.04 21.60
N LEU A 209 39.31 -3.65 22.87
CA LEU A 209 40.61 -3.35 23.45
C LEU A 209 41.47 -4.62 23.47
N GLU A 210 41.03 -5.62 24.23
CA GLU A 210 41.85 -6.75 24.60
C GLU A 210 41.97 -7.75 23.46
N GLU A 211 40.85 -8.05 22.78
CA GLU A 211 40.83 -9.02 21.71
C GLU A 211 41.36 -8.43 20.40
N GLN A 212 41.23 -7.12 20.19
CA GLN A 212 41.46 -6.57 18.86
C GLN A 212 42.48 -5.43 18.86
N GLY A 213 42.88 -4.94 20.03
CA GLY A 213 43.95 -3.95 20.12
C GLY A 213 43.49 -2.54 19.80
N GLY A 214 42.28 -2.17 20.25
CA GLY A 214 41.87 -0.78 20.32
C GLY A 214 41.16 -0.29 19.05
N PRO A 215 40.91 1.04 18.95
CA PRO A 215 40.10 1.60 17.86
C PRO A 215 40.72 1.47 16.48
N ALA A 216 42.03 1.20 16.41
CA ALA A 216 42.72 1.00 15.15
C ALA A 216 42.18 -0.24 14.43
N TRP A 217 41.61 -1.16 15.22
CA TRP A 217 41.00 -2.37 14.67
C TRP A 217 39.87 -1.99 13.71
N LEU A 218 39.03 -1.04 14.14
CA LEU A 218 37.85 -0.64 13.37
C LEU A 218 38.28 -0.01 12.05
N GLN A 219 39.39 0.74 12.06
CA GLN A 219 39.91 1.37 10.87
C GLN A 219 40.39 0.31 9.89
N GLN A 220 40.95 -0.79 10.42
CA GLN A 220 41.36 -1.93 9.60
C GLN A 220 40.15 -2.45 8.82
N LEU A 221 39.02 -2.57 9.51
CA LEU A 221 37.81 -3.14 8.93
C LEU A 221 37.28 -2.23 7.82
N ARG A 222 37.56 -0.93 7.92
CA ARG A 222 37.13 0.03 6.92
C ARG A 222 37.83 -0.24 5.59
N VAL A 223 39.10 -0.69 5.64
CA VAL A 223 39.86 -0.98 4.44
C VAL A 223 39.71 -2.45 4.08
N ALA A 224 39.37 -3.30 5.06
CA ALA A 224 39.11 -4.71 4.83
C ALA A 224 37.92 -4.86 3.89
N PRO A 225 37.81 -5.99 3.15
CA PRO A 225 36.63 -6.26 2.34
C PRO A 225 35.39 -6.51 3.20
N TYR A 226 34.22 -6.23 2.62
CA TYR A 226 32.94 -6.30 3.30
C TYR A 226 32.82 -7.58 4.13
N GLU A 227 33.06 -8.73 3.48
N GLU A 227 33.05 -8.73 3.48
CA GLU A 227 32.76 -10.03 4.06
CA GLU A 227 32.74 -10.02 4.07
C GLU A 227 33.62 -10.28 5.29
C GLU A 227 33.62 -10.28 5.29
N GLU A 228 34.88 -9.81 5.24
CA GLU A 228 35.80 -9.95 6.37
C GLU A 228 35.32 -9.09 7.54
N ALA A 229 34.96 -7.85 7.23
CA ALA A 229 34.54 -6.88 8.23
C ALA A 229 33.29 -7.36 8.97
N HIS A 230 32.37 -7.97 8.21
CA HIS A 230 31.11 -8.44 8.75
C HIS A 230 31.36 -9.60 9.73
N LYS A 231 32.16 -10.58 9.30
CA LYS A 231 32.52 -11.72 10.13
C LYS A 231 33.24 -11.22 11.39
N ALA A 232 34.13 -10.24 11.21
CA ALA A 232 34.89 -9.67 12.31
C ALA A 232 33.95 -9.06 13.34
N LEU A 233 33.00 -8.23 12.88
CA LEU A 233 32.06 -7.54 13.74
C LEU A 233 31.17 -8.53 14.50
N CYS A 234 30.80 -9.64 13.83
CA CYS A 234 29.86 -10.59 14.39
C CYS A 234 30.45 -11.36 15.57
N THR A 235 31.76 -11.24 15.81
CA THR A 235 32.38 -11.90 16.96
C THR A 235 32.03 -11.17 18.24
N LEU A 236 31.63 -9.89 18.14
CA LEU A 236 31.46 -9.04 19.32
C LEU A 236 30.17 -9.38 20.06
N PRO A 237 30.15 -9.24 21.41
CA PRO A 237 28.91 -9.35 22.19
C PRO A 237 27.87 -8.35 21.73
N GLY A 238 26.65 -8.83 21.44
CA GLY A 238 25.52 -7.99 21.11
C GLY A 238 25.45 -7.63 19.62
N VAL A 239 26.41 -8.12 18.83
CA VAL A 239 26.50 -7.77 17.41
C VAL A 239 26.19 -9.02 16.58
N GLY A 240 25.04 -9.00 15.91
CA GLY A 240 24.68 -10.02 14.95
C GLY A 240 24.75 -9.46 13.53
N ALA A 241 24.24 -10.27 12.57
CA ALA A 241 24.30 -9.94 11.16
C ALA A 241 23.70 -8.56 10.88
N LYS A 242 22.56 -8.25 11.51
CA LYS A 242 21.85 -7.02 11.24
C LYS A 242 22.70 -5.82 11.67
N VAL A 243 23.15 -5.82 12.92
CA VAL A 243 23.92 -4.71 13.47
C VAL A 243 25.23 -4.59 12.70
N ALA A 244 25.88 -5.73 12.42
CA ALA A 244 27.13 -5.76 11.69
C ALA A 244 26.96 -5.09 10.32
N ASP A 245 25.84 -5.36 9.65
CA ASP A 245 25.57 -4.80 8.33
C ASP A 245 25.31 -3.30 8.44
N CYS A 246 24.66 -2.87 9.51
CA CYS A 246 24.42 -1.44 9.72
C CYS A 246 25.75 -0.70 9.80
N ILE A 247 26.67 -1.25 10.59
CA ILE A 247 27.97 -0.64 10.83
C ILE A 247 28.78 -0.64 9.53
N CYS A 248 28.88 -1.81 8.90
CA CYS A 248 29.55 -1.95 7.61
C CYS A 248 29.10 -0.85 6.67
N LEU A 249 27.78 -0.68 6.56
CA LEU A 249 27.18 0.25 5.61
C LEU A 249 27.47 1.70 6.00
N MET A 250 27.34 2.01 7.29
CA MET A 250 27.23 3.39 7.73
C MET A 250 28.56 3.97 8.19
N ALA A 251 29.56 3.10 8.45
CA ALA A 251 30.81 3.58 9.04
C ALA A 251 32.05 2.91 8.43
N LEU A 252 31.89 1.83 7.65
CA LEU A 252 33.05 1.09 7.15
C LEU A 252 33.09 1.09 5.63
N ASP A 253 32.36 1.99 5.00
CA ASP A 253 32.42 2.19 3.55
C ASP A 253 32.21 0.85 2.83
N LYS A 254 31.10 0.18 3.15
CA LYS A 254 30.65 -0.99 2.41
C LYS A 254 29.25 -0.70 1.87
N PRO A 255 29.12 0.06 0.75
CA PRO A 255 27.80 0.42 0.22
C PRO A 255 26.89 -0.77 -0.12
N GLN A 256 27.48 -1.96 -0.28
CA GLN A 256 26.75 -3.13 -0.72
C GLN A 256 26.07 -3.84 0.46
N ALA A 257 26.45 -3.48 1.69
CA ALA A 257 25.87 -4.11 2.87
C ALA A 257 24.40 -3.75 2.98
N VAL A 258 23.55 -4.77 3.18
CA VAL A 258 22.11 -4.61 3.27
C VAL A 258 21.64 -5.22 4.59
N PRO A 259 21.39 -4.40 5.64
CA PRO A 259 20.90 -4.93 6.91
C PRO A 259 19.50 -5.52 6.77
N VAL A 260 19.32 -6.76 7.23
CA VAL A 260 18.07 -7.47 7.05
C VAL A 260 17.48 -7.81 8.42
N ASP A 261 16.27 -7.28 8.67
CA ASP A 261 15.45 -7.64 9.82
C ASP A 261 14.06 -8.03 9.32
N VAL A 262 13.08 -8.10 10.23
CA VAL A 262 11.73 -8.51 9.87
C VAL A 262 11.05 -7.42 9.05
N HIS A 263 11.46 -6.16 9.23
CA HIS A 263 10.85 -5.03 8.56
C HIS A 263 11.17 -5.05 7.07
N VAL A 264 12.39 -5.46 6.71
CA VAL A 264 12.81 -5.50 5.31
C VAL A 264 12.20 -6.75 4.66
N TRP A 265 12.07 -7.83 5.44
CA TRP A 265 11.32 -9.01 5.01
C TRP A 265 9.93 -8.61 4.52
N GLN A 266 9.26 -7.76 5.31
CA GLN A 266 7.91 -7.32 5.00
C GLN A 266 7.90 -6.61 3.65
N ILE A 267 8.79 -5.62 3.49
CA ILE A 267 8.87 -4.83 2.29
C ILE A 267 9.23 -5.73 1.09
N ALA A 268 10.21 -6.62 1.30
CA ALA A 268 10.64 -7.54 0.25
C ALA A 268 9.45 -8.36 -0.25
N HIS A 269 8.69 -8.94 0.68
CA HIS A 269 7.60 -9.83 0.33
C HIS A 269 6.44 -9.03 -0.27
N ARG A 270 6.08 -7.90 0.35
CA ARG A 270 4.93 -7.14 -0.08
C ARG A 270 5.22 -6.45 -1.41
N ASP A 271 6.38 -5.80 -1.52
CA ASP A 271 6.66 -4.86 -2.59
C ASP A 271 7.47 -5.51 -3.71
N TYR A 272 8.16 -6.62 -3.44
CA TYR A 272 8.97 -7.29 -4.45
C TYR A 272 8.48 -8.72 -4.71
N GLY A 273 7.53 -9.19 -3.90
CA GLY A 273 7.00 -10.54 -4.05
C GLY A 273 8.05 -11.60 -3.78
N TRP A 274 9.02 -11.28 -2.90
CA TRP A 274 10.12 -12.19 -2.62
C TRP A 274 9.67 -13.25 -1.61
N HIS A 275 10.06 -14.49 -1.89
CA HIS A 275 10.03 -15.57 -0.91
C HIS A 275 11.38 -16.27 -0.93
N PRO A 276 11.84 -16.88 0.19
CA PRO A 276 13.09 -17.64 0.18
C PRO A 276 12.99 -18.83 -0.76
N LYS A 277 13.88 -18.87 -1.76
CA LYS A 277 13.76 -19.79 -2.86
C LYS A 277 14.66 -21.01 -2.63
N THR A 278 15.94 -20.72 -2.31
CA THR A 278 16.89 -21.77 -1.97
C THR A 278 16.45 -22.43 -0.67
N SER A 279 15.84 -21.62 0.21
CA SER A 279 15.30 -22.10 1.48
C SER A 279 13.89 -22.61 1.27
N GLN A 280 13.40 -23.35 2.28
CA GLN A 280 12.04 -23.85 2.33
C GLN A 280 11.36 -23.32 3.61
N ALA A 281 12.09 -23.32 4.73
CA ALA A 281 11.63 -22.68 5.96
C ALA A 281 11.12 -21.29 5.64
N LYS A 282 9.87 -21.01 6.05
CA LYS A 282 9.08 -19.94 5.46
C LYS A 282 9.29 -18.61 6.19
N GLY A 283 10.05 -18.61 7.30
CA GLY A 283 10.21 -17.43 8.13
C GLY A 283 11.66 -16.96 8.20
N PRO A 284 11.92 -15.73 8.72
CA PRO A 284 13.30 -15.26 8.94
C PRO A 284 14.24 -16.29 9.57
N SER A 285 15.44 -16.37 9.02
CA SER A 285 16.47 -17.29 9.49
C SER A 285 17.84 -16.73 9.12
N PRO A 286 18.94 -17.19 9.76
CA PRO A 286 20.28 -16.73 9.38
C PRO A 286 20.53 -16.80 7.88
N LEU A 287 20.12 -17.92 7.26
CA LEU A 287 20.39 -18.19 5.86
C LEU A 287 19.44 -17.43 4.96
N ALA A 288 18.16 -17.37 5.36
CA ALA A 288 17.14 -16.69 4.56
C ALA A 288 17.41 -15.18 4.51
N ASN A 289 17.88 -14.63 5.63
CA ASN A 289 18.21 -13.21 5.70
C ASN A 289 19.36 -12.90 4.75
N LYS A 290 20.38 -13.77 4.73
CA LYS A 290 21.54 -13.58 3.88
C LYS A 290 21.14 -13.73 2.43
N GLU A 291 20.27 -14.70 2.15
CA GLU A 291 19.69 -14.90 0.83
C GLU A 291 19.05 -13.60 0.35
N LEU A 292 18.29 -12.96 1.25
CA LEU A 292 17.56 -11.74 0.92
C LEU A 292 18.52 -10.59 0.70
N GLY A 293 19.61 -10.55 1.48
CA GLY A 293 20.66 -9.56 1.29
C GLY A 293 21.25 -9.67 -0.11
N ASN A 294 21.58 -10.89 -0.52
CA ASN A 294 22.14 -11.17 -1.84
C ASN A 294 21.14 -10.79 -2.93
N PHE A 295 19.84 -11.03 -2.67
CA PHE A 295 18.79 -10.70 -3.62
C PHE A 295 18.89 -9.23 -4.00
N PHE A 296 19.01 -8.35 -3.00
CA PHE A 296 18.95 -6.92 -3.22
C PHE A 296 20.24 -6.41 -3.86
N ARG A 297 21.38 -7.03 -3.52
CA ARG A 297 22.64 -6.69 -4.14
C ARG A 297 22.58 -6.99 -5.64
N ASN A 298 22.02 -8.14 -5.99
CA ASN A 298 21.89 -8.56 -7.38
C ASN A 298 21.04 -7.55 -8.15
N LEU A 299 19.95 -7.10 -7.54
CA LEU A 299 18.98 -6.24 -8.20
C LEU A 299 19.53 -4.82 -8.36
N TRP A 300 20.11 -4.29 -7.27
CA TRP A 300 20.46 -2.87 -7.19
C TRP A 300 21.92 -2.64 -7.54
N GLY A 301 22.81 -3.58 -7.17
CA GLY A 301 24.23 -3.47 -7.46
C GLY A 301 25.04 -3.19 -6.20
N PRO A 302 26.24 -2.57 -6.31
CA PRO A 302 27.12 -2.43 -5.16
C PRO A 302 26.83 -1.28 -4.20
N TYR A 303 25.78 -0.50 -4.48
CA TYR A 303 25.27 0.51 -3.54
C TYR A 303 23.87 0.11 -3.07
N ALA A 304 23.68 -1.19 -2.81
CA ALA A 304 22.37 -1.72 -2.46
C ALA A 304 21.90 -1.14 -1.14
N GLY A 305 22.81 -1.06 -0.15
CA GLY A 305 22.51 -0.49 1.14
C GLY A 305 21.97 0.93 1.05
N TRP A 306 22.50 1.73 0.11
CA TRP A 306 22.05 3.09 -0.08
C TRP A 306 20.64 3.11 -0.65
N ALA A 307 20.37 2.19 -1.60
CA ALA A 307 19.05 2.05 -2.17
C ALA A 307 18.04 1.70 -1.07
N GLN A 308 18.43 0.76 -0.22
CA GLN A 308 17.61 0.36 0.92
C GLN A 308 17.28 1.58 1.77
N ALA A 309 18.27 2.43 2.03
CA ALA A 309 18.09 3.61 2.85
C ALA A 309 16.98 4.49 2.31
N VAL A 310 16.80 4.50 0.99
CA VAL A 310 15.73 5.28 0.37
C VAL A 310 14.38 4.68 0.76
N LEU A 311 14.26 3.35 0.65
CA LEU A 311 13.01 2.67 0.97
C LEU A 311 12.70 2.83 2.46
N PHE A 312 13.73 2.71 3.30
CA PHE A 312 13.59 2.82 4.74
C PHE A 312 13.05 4.22 5.10
N SER A 313 13.61 5.26 4.47
CA SER A 313 13.20 6.62 4.74
C SER A 313 11.80 6.90 4.22
N ALA A 314 11.34 6.09 3.25
CA ALA A 314 10.01 6.26 2.66
C ALA A 314 8.97 5.46 3.45
N ASP A 315 9.42 4.68 4.44
CA ASP A 315 8.55 3.83 5.23
C ASP A 315 8.27 4.48 6.59
N LEU A 316 9.24 5.24 7.12
CA LEU A 316 9.06 6.01 8.34
C LEU A 316 8.02 7.11 8.14
N ARG A 317 7.83 7.54 6.88
CA ARG A 317 6.78 8.48 6.52
C ARG A 317 5.59 7.72 5.95
N GLN A 318 4.97 6.89 6.81
CA GLN A 318 3.75 6.15 6.47
C GLN A 318 4.05 5.17 5.33
N HIS B 3 3.42 27.55 -40.90
CA HIS B 3 3.00 27.00 -39.59
C HIS B 3 1.64 27.60 -39.21
N MET B 4 0.66 26.73 -39.01
CA MET B 4 -0.58 27.10 -38.33
C MET B 4 -0.30 27.04 -36.81
N ARG B 5 -1.36 27.03 -35.99
CA ARG B 5 -1.18 26.99 -34.55
C ARG B 5 -1.97 25.84 -33.94
N HIS B 6 -1.56 25.44 -32.73
CA HIS B 6 -2.31 24.50 -31.92
C HIS B 6 -3.58 25.18 -31.43
N ARG B 7 -4.73 24.59 -31.75
CA ARG B 7 -6.02 25.21 -31.48
C ARG B 7 -6.40 24.98 -30.02
N THR B 8 -7.08 25.97 -29.41
CA THR B 8 -7.88 25.76 -28.21
C THR B 8 -9.35 25.86 -28.61
N LEU B 9 -10.27 25.59 -27.66
CA LEU B 9 -11.69 25.65 -27.93
C LEU B 9 -12.11 27.11 -28.14
N SER B 10 -11.47 28.01 -27.39
CA SER B 10 -11.74 29.45 -27.49
C SER B 10 -11.08 30.05 -28.74
N SER B 11 -9.87 29.58 -29.06
CA SER B 11 -9.06 30.17 -30.13
C SER B 11 -9.77 30.09 -31.47
N SER B 12 -10.34 28.92 -31.78
CA SER B 12 -10.79 28.60 -33.12
C SER B 12 -12.13 27.87 -33.10
N PRO B 13 -13.17 28.41 -32.41
CA PRO B 13 -14.38 27.64 -32.11
C PRO B 13 -15.15 27.11 -33.32
N ALA B 14 -14.93 27.74 -34.49
CA ALA B 14 -15.57 27.33 -35.72
C ALA B 14 -15.19 25.89 -36.07
N LEU B 15 -13.89 25.60 -35.97
CA LEU B 15 -13.31 24.41 -36.60
C LEU B 15 -13.49 23.17 -35.72
N TRP B 16 -13.91 23.35 -34.47
CA TRP B 16 -14.17 22.22 -33.59
C TRP B 16 -15.53 21.60 -33.89
N ALA B 17 -15.60 20.26 -33.79
CA ALA B 17 -16.86 19.54 -33.69
C ALA B 17 -16.90 18.83 -32.35
N SER B 18 -18.00 18.12 -32.05
CA SER B 18 -18.12 17.43 -30.78
C SER B 18 -18.95 16.16 -30.90
N ILE B 19 -18.57 15.14 -30.12
CA ILE B 19 -19.38 13.94 -29.94
C ILE B 19 -19.78 13.87 -28.47
N PRO B 20 -21.08 13.67 -28.14
CA PRO B 20 -21.51 13.58 -26.75
C PRO B 20 -20.94 12.33 -26.07
N CYS B 21 -20.09 12.57 -25.08
CA CYS B 21 -19.36 11.52 -24.40
C CYS B 21 -19.07 11.96 -22.96
N PRO B 22 -19.67 11.30 -21.95
CA PRO B 22 -19.46 11.68 -20.55
C PRO B 22 -18.01 11.44 -20.13
N ARG B 23 -17.54 12.26 -19.17
CA ARG B 23 -16.19 12.12 -18.66
C ARG B 23 -16.06 10.84 -17.85
N SER B 24 -17.19 10.20 -17.53
CA SER B 24 -17.19 8.91 -16.84
C SER B 24 -16.85 7.78 -17.81
N GLU B 25 -17.10 8.00 -19.11
CA GLU B 25 -16.85 6.98 -20.13
C GLU B 25 -15.42 7.08 -20.69
N LEU B 26 -14.79 8.25 -20.52
CA LEU B 26 -13.49 8.52 -21.13
C LEU B 26 -12.86 9.74 -20.49
N ARG B 27 -11.68 9.55 -19.91
CA ARG B 27 -10.86 10.65 -19.42
C ARG B 27 -9.58 10.72 -20.24
N LEU B 28 -9.53 11.70 -21.16
CA LEU B 28 -8.39 11.91 -22.04
C LEU B 28 -7.09 11.93 -21.24
N ASP B 29 -7.11 12.61 -20.09
CA ASP B 29 -5.90 12.84 -19.31
C ASP B 29 -5.37 11.55 -18.71
N LEU B 30 -6.19 10.50 -18.66
CA LEU B 30 -5.79 9.22 -18.09
C LEU B 30 -5.50 8.19 -19.18
N VAL B 31 -5.88 8.47 -20.43
CA VAL B 31 -5.86 7.46 -21.47
C VAL B 31 -4.76 7.74 -22.49
N LEU B 32 -4.47 9.02 -22.76
CA LEU B 32 -3.64 9.38 -23.90
C LEU B 32 -2.16 9.43 -23.52
N ALA B 33 -1.85 9.56 -22.22
CA ALA B 33 -0.48 9.51 -21.74
C ALA B 33 -0.25 8.27 -20.87
N SER B 34 -1.21 7.35 -20.86
CA SER B 34 -1.14 6.22 -19.93
C SER B 34 -0.26 5.09 -20.47
N GLY B 35 0.30 5.27 -21.65
CA GLY B 35 1.28 4.35 -22.18
C GLY B 35 0.65 3.33 -23.13
N GLN B 36 -0.54 3.62 -23.65
CA GLN B 36 -1.11 2.85 -24.74
C GLN B 36 -0.55 3.38 -26.06
N SER B 37 -0.81 4.67 -26.30
CA SER B 37 -0.18 5.41 -27.38
C SER B 37 0.89 6.32 -26.79
N PHE B 38 1.92 6.64 -27.60
CA PHE B 38 3.00 7.49 -27.16
C PHE B 38 3.09 8.72 -28.06
N ARG B 39 1.98 9.04 -28.75
CA ARG B 39 1.98 10.02 -29.82
C ARG B 39 1.09 11.22 -29.47
N TRP B 40 0.54 11.23 -28.24
CA TRP B 40 -0.31 12.33 -27.80
C TRP B 40 0.43 13.16 -26.76
N LYS B 41 0.39 14.49 -26.93
CA LYS B 41 0.95 15.41 -25.95
C LYS B 41 -0.06 16.51 -25.65
N GLU B 42 -0.01 16.99 -24.40
CA GLU B 42 -0.86 18.07 -23.94
C GLU B 42 -0.17 19.39 -24.24
N GLN B 43 -0.37 19.89 -25.47
CA GLN B 43 0.38 21.02 -25.99
C GLN B 43 -0.02 22.29 -25.24
N SER B 44 -1.32 22.59 -25.25
CA SER B 44 -1.90 23.62 -24.41
C SER B 44 -2.78 22.96 -23.36
N PRO B 45 -2.82 23.47 -22.11
CA PRO B 45 -3.62 22.86 -21.04
C PRO B 45 -4.94 22.23 -21.45
N ALA B 46 -5.09 20.93 -21.15
CA ALA B 46 -6.31 20.17 -21.37
C ALA B 46 -6.58 19.96 -22.86
N HIS B 47 -5.57 20.15 -23.71
CA HIS B 47 -5.72 20.03 -25.15
C HIS B 47 -4.68 19.05 -25.68
N TRP B 48 -5.15 17.88 -26.14
CA TRP B 48 -4.30 16.76 -26.50
C TRP B 48 -4.17 16.66 -28.01
N SER B 49 -2.93 16.79 -28.50
CA SER B 49 -2.65 16.75 -29.93
C SER B 49 -1.79 15.52 -30.26
N GLY B 50 -2.10 14.87 -31.38
CA GLY B 50 -1.36 13.70 -31.83
C GLY B 50 -1.80 13.26 -33.23
N VAL B 51 -1.14 12.25 -33.78
CA VAL B 51 -1.33 11.84 -35.16
C VAL B 51 -2.20 10.58 -35.18
N LEU B 52 -2.98 10.43 -36.26
CA LEU B 52 -3.76 9.24 -36.54
C LEU B 52 -3.84 9.05 -38.05
N ALA B 53 -3.24 7.97 -38.56
CA ALA B 53 -3.45 7.55 -39.94
C ALA B 53 -3.17 8.69 -40.92
N ASP B 54 -1.99 9.30 -40.79
CA ASP B 54 -1.51 10.33 -41.71
C ASP B 54 -2.37 11.58 -41.61
N GLN B 55 -2.84 11.90 -40.40
CA GLN B 55 -3.59 13.11 -40.12
C GLN B 55 -3.40 13.48 -38.65
N VAL B 56 -3.41 14.79 -38.36
CA VAL B 56 -3.21 15.29 -37.01
C VAL B 56 -4.57 15.60 -36.41
N TRP B 57 -4.65 15.58 -35.06
CA TRP B 57 -5.85 15.97 -34.32
C TRP B 57 -5.44 16.77 -33.10
N THR B 58 -6.37 17.59 -32.59
CA THR B 58 -6.31 18.09 -31.23
C THR B 58 -7.65 17.78 -30.56
N LEU B 59 -7.59 17.28 -29.32
CA LEU B 59 -8.76 16.80 -28.60
C LEU B 59 -8.84 17.48 -27.25
N THR B 60 -10.06 17.75 -26.80
CA THR B 60 -10.33 18.20 -25.45
C THR B 60 -11.78 17.87 -25.13
N GLN B 61 -12.10 17.85 -23.84
CA GLN B 61 -13.42 17.46 -23.39
C GLN B 61 -13.90 18.35 -22.27
N THR B 62 -15.23 18.35 -22.09
CA THR B 62 -15.89 18.98 -20.96
C THR B 62 -16.37 17.88 -20.02
N GLU B 63 -17.38 18.19 -19.21
CA GLU B 63 -17.97 17.21 -18.30
C GLU B 63 -18.87 16.24 -19.07
N ASP B 64 -19.38 16.68 -20.22
CA ASP B 64 -20.37 15.91 -20.96
C ASP B 64 -20.00 15.75 -22.43
N GLN B 65 -19.00 16.49 -22.94
CA GLN B 65 -18.73 16.51 -24.37
C GLN B 65 -17.24 16.30 -24.68
N LEU B 66 -16.98 15.64 -25.81
CA LEU B 66 -15.65 15.45 -26.38
C LEU B 66 -15.50 16.37 -27.59
N TYR B 67 -14.82 17.51 -27.40
CA TYR B 67 -14.56 18.45 -28.48
C TYR B 67 -13.29 18.04 -29.21
N CYS B 68 -13.33 18.08 -30.55
CA CYS B 68 -12.23 17.61 -31.37
C CYS B 68 -12.16 18.40 -32.69
N THR B 69 -10.94 18.54 -33.22
CA THR B 69 -10.69 19.18 -34.50
C THR B 69 -9.53 18.46 -35.21
N VAL B 70 -9.45 18.66 -36.53
CA VAL B 70 -8.50 17.95 -37.38
C VAL B 70 -7.68 18.98 -38.16
N TYR B 71 -6.46 18.58 -38.54
CA TYR B 71 -5.57 19.35 -39.38
C TYR B 71 -5.10 18.41 -40.51
N ARG B 72 -5.63 18.58 -41.73
CA ARG B 72 -5.18 17.78 -42.86
C ARG B 72 -3.74 18.15 -43.25
N SER B 76 -5.16 22.02 -46.91
CA SER B 76 -5.52 22.63 -48.23
C SER B 76 -6.95 23.15 -48.26
N GLN B 77 -7.66 23.07 -47.11
CA GLN B 77 -9.06 23.47 -47.04
C GLN B 77 -9.32 24.29 -45.77
N VAL B 78 -9.00 23.69 -44.62
CA VAL B 78 -9.19 24.29 -43.31
C VAL B 78 -10.66 24.18 -42.94
N SER B 79 -11.26 23.00 -43.19
CA SER B 79 -12.63 22.72 -42.80
C SER B 79 -12.65 22.25 -41.35
N ARG B 80 -13.82 21.79 -40.89
CA ARG B 80 -13.96 21.17 -39.58
C ARG B 80 -14.06 19.66 -39.78
N PRO B 81 -13.88 18.83 -38.73
CA PRO B 81 -13.95 17.37 -38.88
C PRO B 81 -15.10 16.90 -39.77
N THR B 82 -14.80 15.99 -40.70
CA THR B 82 -15.84 15.41 -41.53
C THR B 82 -16.60 14.39 -40.68
N LEU B 83 -17.54 13.69 -41.31
CA LEU B 83 -18.31 12.65 -40.62
C LEU B 83 -17.44 11.40 -40.46
N GLU B 84 -16.82 10.96 -41.56
CA GLU B 84 -15.98 9.77 -41.57
C GLU B 84 -14.81 9.95 -40.62
N GLU B 85 -14.26 11.18 -40.58
CA GLU B 85 -13.19 11.52 -39.67
C GLU B 85 -13.64 11.32 -38.23
N LEU B 86 -14.91 11.61 -37.93
CA LEU B 86 -15.45 11.48 -36.58
C LEU B 86 -15.83 10.03 -36.28
N GLU B 87 -16.19 9.27 -37.32
CA GLU B 87 -16.41 7.83 -37.16
C GLU B 87 -15.10 7.16 -36.74
N THR B 88 -14.00 7.61 -37.38
CA THR B 88 -12.66 7.14 -37.06
C THR B 88 -12.39 7.34 -35.58
N LEU B 89 -12.67 8.55 -35.08
CA LEU B 89 -12.37 8.91 -33.70
C LEU B 89 -13.22 8.07 -32.75
N HIS B 90 -14.50 7.89 -33.10
CA HIS B 90 -15.41 7.09 -32.31
C HIS B 90 -14.87 5.66 -32.16
N LYS B 91 -14.39 5.10 -33.28
CA LYS B 91 -13.88 3.75 -33.32
C LYS B 91 -12.58 3.64 -32.52
N TYR B 92 -11.69 4.63 -32.69
CA TYR B 92 -10.42 4.68 -31.98
C TYR B 92 -10.64 4.49 -30.48
N PHE B 93 -11.70 5.12 -29.95
CA PHE B 93 -11.98 5.09 -28.52
C PHE B 93 -12.96 3.97 -28.17
N GLN B 94 -13.37 3.18 -29.15
CA GLN B 94 -14.23 2.02 -28.91
C GLN B 94 -15.41 2.44 -28.02
N LEU B 95 -16.14 3.47 -28.45
CA LEU B 95 -17.14 4.12 -27.61
C LEU B 95 -18.46 3.34 -27.64
N ASP B 96 -18.61 2.40 -28.58
CA ASP B 96 -19.68 1.43 -28.55
C ASP B 96 -19.76 0.80 -27.16
N VAL B 97 -18.60 0.46 -26.59
CA VAL B 97 -18.50 -0.34 -25.39
C VAL B 97 -18.79 0.53 -24.17
N SER B 98 -19.72 0.06 -23.31
CA SER B 98 -20.11 0.77 -22.12
C SER B 98 -19.12 0.50 -20.98
N LEU B 99 -18.44 1.57 -20.53
CA LEU B 99 -17.43 1.46 -19.50
C LEU B 99 -18.09 1.37 -18.12
N ALA B 100 -19.25 2.04 -17.98
CA ALA B 100 -20.00 2.03 -16.74
C ALA B 100 -20.41 0.60 -16.39
N GLN B 101 -20.77 -0.18 -17.42
CA GLN B 101 -21.16 -1.56 -17.25
C GLN B 101 -19.96 -2.40 -16.84
N LEU B 102 -18.80 -2.15 -17.44
CA LEU B 102 -17.61 -2.94 -17.19
C LEU B 102 -17.10 -2.68 -15.77
N TYR B 103 -17.06 -1.41 -15.36
CA TYR B 103 -16.64 -1.06 -14.02
C TYR B 103 -17.55 -1.78 -13.01
N SER B 104 -18.87 -1.67 -13.23
CA SER B 104 -19.85 -2.31 -12.36
C SER B 104 -19.61 -3.81 -12.26
N HIS B 105 -19.40 -4.45 -13.41
CA HIS B 105 -19.20 -5.89 -13.48
C HIS B 105 -17.96 -6.28 -12.67
N TRP B 106 -16.85 -5.57 -12.89
CA TRP B 106 -15.59 -5.89 -12.25
C TRP B 106 -15.69 -5.69 -10.75
N ALA B 107 -16.22 -4.52 -10.34
CA ALA B 107 -16.37 -4.18 -8.94
C ALA B 107 -17.13 -5.27 -8.18
N SER B 108 -18.10 -5.90 -8.87
CA SER B 108 -18.98 -6.88 -8.25
C SER B 108 -18.22 -8.15 -7.90
N VAL B 109 -17.15 -8.47 -8.65
CA VAL B 109 -16.44 -9.74 -8.50
C VAL B 109 -15.06 -9.51 -7.87
N ASP B 110 -14.72 -8.25 -7.58
CA ASP B 110 -13.36 -7.90 -7.18
C ASP B 110 -13.41 -6.69 -6.25
N SER B 111 -13.32 -6.96 -4.93
CA SER B 111 -13.44 -5.96 -3.90
C SER B 111 -12.29 -4.95 -3.98
N HIS B 112 -11.11 -5.45 -4.36
CA HIS B 112 -9.93 -4.61 -4.51
C HIS B 112 -10.17 -3.59 -5.62
N PHE B 113 -10.70 -4.06 -6.75
CA PHE B 113 -11.00 -3.20 -7.88
C PHE B 113 -11.96 -2.09 -7.45
N GLN B 114 -12.95 -2.45 -6.63
CA GLN B 114 -13.96 -1.51 -6.15
C GLN B 114 -13.29 -0.34 -5.45
N ARG B 115 -12.29 -0.62 -4.61
CA ARG B 115 -11.63 0.40 -3.80
C ARG B 115 -10.75 1.29 -4.67
N VAL B 116 -10.17 0.73 -5.74
CA VAL B 116 -9.15 1.42 -6.51
C VAL B 116 -9.79 2.22 -7.65
N ALA B 117 -10.82 1.65 -8.29
CA ALA B 117 -11.37 2.19 -9.53
C ALA B 117 -12.08 3.53 -9.30
N GLN B 118 -12.52 3.78 -8.07
CA GLN B 118 -13.37 4.93 -7.79
C GLN B 118 -12.71 6.23 -8.24
N LYS B 119 -11.39 6.40 -7.98
CA LYS B 119 -10.72 7.65 -8.26
C LYS B 119 -10.13 7.68 -9.68
N PHE B 120 -10.37 6.61 -10.47
CA PHE B 120 -9.88 6.54 -11.84
C PHE B 120 -10.98 6.02 -12.75
N GLN B 121 -11.98 6.86 -13.04
CA GLN B 121 -13.02 6.53 -13.99
C GLN B 121 -12.57 6.90 -15.40
N GLY B 122 -13.25 6.36 -16.41
CA GLY B 122 -13.04 6.76 -17.80
C GLY B 122 -11.72 6.24 -18.36
N VAL B 123 -11.22 5.10 -17.85
CA VAL B 123 -10.04 4.45 -18.39
C VAL B 123 -10.52 3.35 -19.33
N ARG B 124 -10.34 3.59 -20.63
CA ARG B 124 -10.72 2.62 -21.66
C ARG B 124 -9.51 2.34 -22.54
N LEU B 125 -9.64 1.36 -23.43
CA LEU B 125 -8.57 1.00 -24.34
C LEU B 125 -8.81 1.68 -25.69
N LEU B 126 -7.71 2.17 -26.29
CA LEU B 126 -7.73 2.67 -27.64
C LEU B 126 -7.68 1.48 -28.59
N ARG B 127 -8.22 1.67 -29.80
CA ARG B 127 -8.10 0.71 -30.88
C ARG B 127 -7.06 1.25 -31.85
N GLN B 128 -5.81 0.81 -31.69
CA GLN B 128 -4.68 1.38 -32.40
C GLN B 128 -4.45 0.64 -33.71
N ASP B 129 -3.80 1.32 -34.66
CA ASP B 129 -3.34 0.69 -35.89
C ASP B 129 -2.32 -0.37 -35.54
N PRO B 130 -2.50 -1.63 -35.97
CA PRO B 130 -1.54 -2.71 -35.69
C PRO B 130 -0.08 -2.35 -35.86
N THR B 131 0.25 -1.71 -36.99
CA THR B 131 1.63 -1.38 -37.33
C THR B 131 2.20 -0.45 -36.26
N GLU B 132 1.51 0.68 -36.04
CA GLU B 132 1.95 1.67 -35.07
C GLU B 132 2.12 1.03 -33.71
N CYS B 133 1.18 0.14 -33.35
CA CYS B 133 1.19 -0.51 -32.05
C CYS B 133 2.37 -1.45 -31.94
N LEU B 134 2.57 -2.29 -32.96
CA LEU B 134 3.60 -3.32 -32.95
C LEU B 134 4.96 -2.68 -32.67
N PHE B 135 5.33 -1.71 -33.51
CA PHE B 135 6.68 -1.15 -33.48
C PHE B 135 6.84 -0.25 -32.25
N SER B 136 5.74 0.37 -31.80
CA SER B 136 5.78 1.16 -30.58
C SER B 136 6.12 0.27 -29.38
N PHE B 137 5.58 -0.96 -29.37
CA PHE B 137 5.74 -1.83 -28.21
C PHE B 137 6.99 -2.69 -28.33
N ILE B 138 7.63 -2.72 -29.52
CA ILE B 138 8.97 -3.27 -29.63
C ILE B 138 9.95 -2.33 -28.93
N CYS B 139 9.68 -1.03 -28.99
CA CYS B 139 10.54 -0.02 -28.40
C CYS B 139 10.35 0.09 -26.89
N SER B 140 9.55 -0.81 -26.30
CA SER B 140 9.03 -0.62 -24.94
C SER B 140 9.76 -1.51 -23.93
N SER B 141 10.54 -2.47 -24.43
CA SER B 141 11.35 -3.34 -23.60
C SER B 141 12.34 -2.53 -22.78
N ASN B 142 12.31 -2.67 -21.45
CA ASN B 142 13.27 -2.04 -20.55
C ASN B 142 13.21 -0.52 -20.73
N ASN B 143 12.01 0.04 -20.59
CA ASN B 143 11.80 1.45 -20.87
C ASN B 143 10.64 1.99 -20.05
N ASN B 144 10.55 3.33 -20.00
CA ASN B 144 9.43 4.02 -19.37
C ASN B 144 8.76 4.89 -20.44
N ILE B 145 7.55 5.38 -20.14
CA ILE B 145 6.72 6.08 -21.11
C ILE B 145 7.51 7.23 -21.72
N ALA B 146 8.25 7.98 -20.90
CA ALA B 146 8.97 9.16 -21.35
C ALA B 146 9.95 8.80 -22.47
N ARG B 147 10.72 7.73 -22.25
CA ARG B 147 11.78 7.34 -23.16
C ARG B 147 11.18 6.75 -24.44
N ILE B 148 10.11 5.95 -24.29
CA ILE B 148 9.47 5.31 -25.44
C ILE B 148 8.86 6.39 -26.34
N THR B 149 8.13 7.34 -25.72
CA THR B 149 7.59 8.49 -26.41
C THR B 149 8.68 9.14 -27.28
N GLY B 150 9.86 9.32 -26.70
CA GLY B 150 11.00 9.90 -27.40
C GLY B 150 11.40 9.07 -28.61
N MET B 151 11.66 7.77 -28.38
CA MET B 151 12.12 6.87 -29.42
C MET B 151 11.14 6.85 -30.59
N VAL B 152 9.84 6.81 -30.28
CA VAL B 152 8.80 6.68 -31.29
C VAL B 152 8.71 7.98 -32.10
N GLU B 153 8.94 9.13 -31.45
CA GLU B 153 8.86 10.41 -32.13
C GLU B 153 10.01 10.50 -33.13
N ARG B 154 11.23 10.20 -32.66
CA ARG B 154 12.41 10.26 -33.50
C ARG B 154 12.29 9.27 -34.65
N LEU B 155 11.69 8.10 -34.39
CA LEU B 155 11.50 7.07 -35.40
C LEU B 155 10.57 7.56 -36.50
N CYS B 156 9.48 8.23 -36.11
CA CYS B 156 8.50 8.73 -37.07
C CYS B 156 9.07 9.89 -37.87
N GLN B 157 9.85 10.75 -37.20
CA GLN B 157 10.45 11.91 -37.83
C GLN B 157 11.41 11.47 -38.92
N ALA B 158 12.21 10.44 -38.64
CA ALA B 158 13.30 10.05 -39.52
C ALA B 158 12.82 9.16 -40.66
N PHE B 159 11.74 8.38 -40.44
CA PHE B 159 11.33 7.36 -41.39
C PHE B 159 9.93 7.63 -41.96
N GLY B 160 9.10 8.39 -41.22
CA GLY B 160 7.70 8.55 -41.58
C GLY B 160 7.46 9.82 -42.39
N PRO B 161 6.36 9.89 -43.16
CA PRO B 161 6.05 11.08 -43.96
C PRO B 161 5.75 12.30 -43.10
N ARG B 162 6.38 13.43 -43.44
CA ARG B 162 6.06 14.72 -42.85
C ARG B 162 4.63 15.10 -43.25
N LEU B 163 3.87 15.65 -42.30
CA LEU B 163 2.47 15.96 -42.53
C LEU B 163 2.25 17.47 -42.51
N ILE B 164 2.53 18.09 -41.36
CA ILE B 164 2.31 19.52 -41.17
C ILE B 164 3.08 19.97 -39.95
N GLN B 165 3.28 21.30 -39.85
CA GLN B 165 3.89 21.93 -38.69
C GLN B 165 2.84 22.80 -37.99
N LEU B 166 2.77 22.66 -36.66
CA LEU B 166 1.95 23.52 -35.82
C LEU B 166 2.85 24.03 -34.70
N ASP B 167 2.93 25.35 -34.55
CA ASP B 167 3.85 25.97 -33.60
C ASP B 167 5.26 25.44 -33.90
N ASP B 168 5.93 24.86 -32.90
CA ASP B 168 7.31 24.42 -33.04
C ASP B 168 7.37 22.92 -33.33
N VAL B 169 6.20 22.28 -33.46
CA VAL B 169 6.11 20.83 -33.51
C VAL B 169 5.79 20.39 -34.93
N THR B 170 6.59 19.46 -35.47
CA THR B 170 6.44 18.97 -36.82
C THR B 170 5.97 17.52 -36.77
N TYR B 171 4.74 17.28 -37.25
CA TYR B 171 4.09 15.99 -37.09
C TYR B 171 4.37 15.12 -38.30
N HIS B 172 4.80 13.88 -38.02
CA HIS B 172 5.00 12.86 -39.04
C HIS B 172 4.01 11.72 -38.82
N GLY B 173 3.61 11.09 -39.93
CA GLY B 173 2.84 9.86 -39.85
C GLY B 173 3.74 8.72 -39.36
N PHE B 174 3.10 7.59 -39.03
CA PHE B 174 3.86 6.42 -38.61
C PHE B 174 4.33 5.70 -39.87
N PRO B 175 5.62 5.28 -39.94
CA PRO B 175 6.15 4.67 -41.16
C PRO B 175 5.43 3.38 -41.55
N ASN B 176 5.45 3.08 -42.85
CA ASN B 176 4.98 1.80 -43.38
C ASN B 176 6.10 0.78 -43.22
N LEU B 177 5.79 -0.50 -43.49
CA LEU B 177 6.74 -1.59 -43.31
C LEU B 177 7.96 -1.38 -44.19
N HIS B 178 7.74 -1.08 -45.47
CA HIS B 178 8.80 -0.89 -46.44
C HIS B 178 9.86 0.08 -45.90
N ALA B 179 9.39 1.16 -45.27
CA ALA B 179 10.26 2.21 -44.77
C ALA B 179 11.18 1.69 -43.67
N LEU B 180 10.70 0.73 -42.87
CA LEU B 180 11.43 0.21 -41.74
C LEU B 180 12.26 -1.01 -42.13
N ALA B 181 12.01 -1.55 -43.33
CA ALA B 181 12.69 -2.76 -43.78
C ALA B 181 14.01 -2.43 -44.49
N GLY B 182 14.21 -1.15 -44.79
CA GLY B 182 15.23 -0.71 -45.74
C GLY B 182 16.65 -0.94 -45.22
N PRO B 183 17.67 -0.75 -46.09
CA PRO B 183 19.06 -1.07 -45.78
C PRO B 183 19.71 -0.28 -44.65
N GLU B 184 19.42 1.02 -44.57
CA GLU B 184 19.99 1.88 -43.55
C GLU B 184 19.06 1.98 -42.34
N ALA B 185 18.17 1.00 -42.16
CA ALA B 185 17.10 1.10 -41.18
C ALA B 185 17.65 0.94 -39.76
N GLU B 186 18.33 -0.18 -39.52
CA GLU B 186 18.87 -0.47 -38.20
C GLU B 186 19.91 0.60 -37.84
N THR B 187 20.82 0.86 -38.79
CA THR B 187 21.90 1.80 -38.59
C THR B 187 21.34 3.14 -38.12
N HIS B 188 20.35 3.64 -38.87
CA HIS B 188 19.75 4.95 -38.61
C HIS B 188 19.03 4.93 -37.26
N LEU B 189 18.34 3.82 -36.96
CA LEU B 189 17.61 3.69 -35.71
C LEU B 189 18.57 3.62 -34.53
N ARG B 190 19.72 2.97 -34.72
CA ARG B 190 20.74 2.86 -33.68
C ARG B 190 21.31 4.25 -33.38
N LYS B 191 21.37 5.10 -34.41
CA LYS B 191 21.83 6.47 -34.29
C LYS B 191 20.85 7.27 -33.42
N LEU B 192 19.58 6.84 -33.40
CA LEU B 192 18.52 7.57 -32.71
C LEU B 192 18.36 7.09 -31.26
N GLY B 193 19.17 6.09 -30.87
CA GLY B 193 19.27 5.68 -29.47
C GLY B 193 18.31 4.55 -29.11
N LEU B 194 17.85 3.76 -30.10
CA LEU B 194 16.97 2.64 -29.82
C LEU B 194 17.76 1.46 -29.27
N GLY B 195 19.06 1.42 -29.57
CA GLY B 195 19.92 0.35 -29.07
C GLY B 195 19.56 -0.98 -29.71
N TYR B 196 19.42 -2.02 -28.88
CA TYR B 196 19.11 -3.37 -29.34
C TYR B 196 17.80 -3.39 -30.11
N ARG B 197 16.87 -2.49 -29.74
CA ARG B 197 15.52 -2.49 -30.27
C ARG B 197 15.52 -2.18 -31.77
N ALA B 198 16.58 -1.54 -32.26
CA ALA B 198 16.70 -1.20 -33.68
C ALA B 198 16.69 -2.45 -34.55
N ARG B 199 17.42 -3.48 -34.10
CA ARG B 199 17.51 -4.74 -34.82
C ARG B 199 16.12 -5.34 -34.99
N TYR B 200 15.35 -5.35 -33.88
CA TYR B 200 14.06 -6.00 -33.83
C TYR B 200 13.06 -5.28 -34.75
N VAL B 201 13.14 -3.94 -34.81
CA VAL B 201 12.26 -3.16 -35.66
C VAL B 201 12.47 -3.57 -37.11
N ARG B 202 13.71 -3.43 -37.59
CA ARG B 202 14.03 -3.75 -38.98
C ARG B 202 13.63 -5.19 -39.28
N ALA B 203 14.14 -6.10 -38.45
CA ALA B 203 13.93 -7.53 -38.62
C ALA B 203 12.44 -7.84 -38.76
N SER B 204 11.61 -7.29 -37.86
CA SER B 204 10.19 -7.58 -37.85
C SER B 204 9.52 -7.03 -39.10
N ALA B 205 9.95 -5.84 -39.55
CA ALA B 205 9.39 -5.23 -40.75
C ALA B 205 9.76 -6.07 -41.98
N LYS B 206 11.05 -6.42 -42.08
CA LYS B 206 11.57 -7.25 -43.17
C LYS B 206 10.86 -8.61 -43.17
N ALA B 207 10.58 -9.14 -41.97
CA ALA B 207 9.93 -10.43 -41.83
C ALA B 207 8.49 -10.37 -42.35
N ILE B 208 7.73 -9.37 -41.90
CA ILE B 208 6.30 -9.31 -42.21
C ILE B 208 6.11 -9.20 -43.73
N LEU B 209 6.98 -8.45 -44.40
CA LEU B 209 6.94 -8.31 -45.85
C LEU B 209 7.22 -9.64 -46.52
N GLU B 210 8.42 -10.17 -46.28
CA GLU B 210 8.95 -11.30 -47.05
C GLU B 210 8.32 -12.61 -46.59
N GLU B 211 8.22 -12.82 -45.27
CA GLU B 211 7.80 -14.09 -44.71
C GLU B 211 6.26 -14.17 -44.65
N GLN B 212 5.62 -13.08 -44.23
CA GLN B 212 4.21 -13.12 -43.84
C GLN B 212 3.30 -12.53 -44.93
N GLY B 213 3.88 -11.95 -45.98
CA GLY B 213 3.12 -11.56 -47.16
C GLY B 213 2.39 -10.22 -46.97
N GLY B 214 3.05 -9.27 -46.32
CA GLY B 214 2.63 -7.88 -46.35
C GLY B 214 1.77 -7.48 -45.16
N PRO B 215 1.43 -6.17 -45.04
CA PRO B 215 0.72 -5.65 -43.87
C PRO B 215 -0.70 -6.19 -43.67
N ALA B 216 -1.27 -6.80 -44.72
CA ALA B 216 -2.58 -7.42 -44.65
C ALA B 216 -2.57 -8.58 -43.65
N TRP B 217 -1.37 -9.13 -43.38
CA TRP B 217 -1.19 -10.15 -42.37
C TRP B 217 -1.71 -9.68 -41.01
N LEU B 218 -1.37 -8.45 -40.63
CA LEU B 218 -1.75 -7.90 -39.33
C LEU B 218 -3.27 -7.81 -39.19
N GLN B 219 -3.94 -7.46 -40.30
CA GLN B 219 -5.39 -7.35 -40.31
C GLN B 219 -6.01 -8.74 -40.13
N GLN B 220 -5.36 -9.77 -40.69
CA GLN B 220 -5.78 -11.15 -40.49
C GLN B 220 -5.82 -11.47 -38.99
N LEU B 221 -4.78 -11.05 -38.27
CA LEU B 221 -4.66 -11.37 -36.85
C LEU B 221 -5.77 -10.68 -36.05
N ARG B 222 -6.26 -9.55 -36.55
CA ARG B 222 -7.34 -8.82 -35.89
C ARG B 222 -8.63 -9.66 -35.91
N VAL B 223 -8.84 -10.43 -36.98
CA VAL B 223 -10.04 -11.24 -37.10
C VAL B 223 -9.75 -12.65 -36.57
N ALA B 224 -8.48 -13.04 -36.56
CA ALA B 224 -8.05 -14.32 -35.99
C ALA B 224 -8.41 -14.37 -34.52
N PRO B 225 -8.61 -15.58 -33.93
CA PRO B 225 -8.83 -15.71 -32.49
C PRO B 225 -7.57 -15.35 -31.70
N TYR B 226 -7.79 -14.89 -30.45
CA TYR B 226 -6.73 -14.40 -29.58
C TYR B 226 -5.51 -15.32 -29.61
N GLU B 227 -5.73 -16.62 -29.36
CA GLU B 227 -4.66 -17.59 -29.15
C GLU B 227 -3.78 -17.69 -30.39
N GLU B 228 -4.40 -17.64 -31.58
CA GLU B 228 -3.69 -17.73 -32.84
C GLU B 228 -2.85 -16.47 -33.05
N ALA B 229 -3.47 -15.31 -32.80
CA ALA B 229 -2.83 -14.03 -33.00
C ALA B 229 -1.59 -13.89 -32.12
N HIS B 230 -1.70 -14.38 -30.87
CA HIS B 230 -0.62 -14.29 -29.90
C HIS B 230 0.57 -15.13 -30.36
N LYS B 231 0.30 -16.39 -30.73
CA LYS B 231 1.31 -17.30 -31.24
C LYS B 231 1.97 -16.69 -32.48
N ALA B 232 1.14 -16.12 -33.36
CA ALA B 232 1.61 -15.50 -34.60
C ALA B 232 2.57 -14.37 -34.29
N LEU B 233 2.19 -13.47 -33.38
CA LEU B 233 2.99 -12.32 -33.03
C LEU B 233 4.32 -12.75 -32.41
N CYS B 234 4.30 -13.83 -31.61
CA CYS B 234 5.47 -14.25 -30.84
C CYS B 234 6.57 -14.80 -31.76
N THR B 235 6.26 -15.03 -33.05
CA THR B 235 7.27 -15.51 -33.99
C THR B 235 8.22 -14.36 -34.36
N LEU B 236 7.79 -13.12 -34.17
CA LEU B 236 8.52 -11.97 -34.67
C LEU B 236 9.74 -11.68 -33.79
N PRO B 237 10.85 -11.17 -34.39
CA PRO B 237 11.98 -10.67 -33.61
C PRO B 237 11.56 -9.57 -32.65
N GLY B 238 11.93 -9.72 -31.37
CA GLY B 238 11.71 -8.70 -30.36
C GLY B 238 10.34 -8.77 -29.70
N VAL B 239 9.52 -9.74 -30.12
CA VAL B 239 8.16 -9.85 -29.63
C VAL B 239 8.04 -11.12 -28.81
N GLY B 240 7.86 -10.94 -27.48
CA GLY B 240 7.55 -12.03 -26.58
C GLY B 240 6.10 -11.95 -26.12
N ALA B 241 5.76 -12.80 -25.14
CA ALA B 241 4.40 -12.92 -24.64
C ALA B 241 3.84 -11.56 -24.20
N LYS B 242 4.67 -10.76 -23.52
CA LYS B 242 4.23 -9.49 -22.96
C LYS B 242 3.83 -8.53 -24.07
N VAL B 243 4.75 -8.32 -25.02
CA VAL B 243 4.52 -7.39 -26.12
C VAL B 243 3.36 -7.89 -26.97
N ALA B 244 3.34 -9.20 -27.24
CA ALA B 244 2.29 -9.81 -28.04
C ALA B 244 0.92 -9.53 -27.42
N ASP B 245 0.84 -9.63 -26.08
CA ASP B 245 -0.41 -9.40 -25.38
C ASP B 245 -0.80 -7.93 -25.43
N CYS B 246 0.18 -7.03 -25.39
CA CYS B 246 -0.08 -5.61 -25.49
C CYS B 246 -0.75 -5.31 -26.83
N ILE B 247 -0.18 -5.86 -27.91
CA ILE B 247 -0.66 -5.64 -29.25
C ILE B 247 -2.07 -6.24 -29.41
N CYS B 248 -2.20 -7.52 -29.03
CA CYS B 248 -3.48 -8.21 -29.06
C CYS B 248 -4.56 -7.33 -28.43
N LEU B 249 -4.26 -6.81 -27.24
CA LEU B 249 -5.22 -6.04 -26.46
C LEU B 249 -5.52 -4.70 -27.12
N MET B 250 -4.48 -4.02 -27.61
CA MET B 250 -4.57 -2.59 -27.91
C MET B 250 -4.83 -2.34 -29.40
N ALA B 251 -4.64 -3.36 -30.25
CA ALA B 251 -4.76 -3.15 -31.69
C ALA B 251 -5.48 -4.30 -32.41
N LEU B 252 -5.69 -5.45 -31.76
CA LEU B 252 -6.23 -6.61 -32.46
C LEU B 252 -7.56 -7.05 -31.86
N ASP B 253 -8.19 -6.18 -31.07
CA ASP B 253 -9.53 -6.43 -30.54
C ASP B 253 -9.56 -7.79 -29.83
N LYS B 254 -8.66 -7.98 -28.87
CA LYS B 254 -8.72 -9.12 -27.96
C LYS B 254 -8.80 -8.57 -26.54
N PRO B 255 -9.99 -8.12 -26.06
CA PRO B 255 -10.13 -7.54 -24.73
C PRO B 255 -9.65 -8.43 -23.59
N GLN B 256 -9.56 -9.75 -23.85
CA GLN B 256 -9.25 -10.74 -22.82
C GLN B 256 -7.74 -10.85 -22.61
N ALA B 257 -6.93 -10.30 -23.54
CA ALA B 257 -5.49 -10.38 -23.43
C ALA B 257 -5.02 -9.60 -22.22
N VAL B 258 -4.17 -10.21 -21.39
CA VAL B 258 -3.65 -9.61 -20.18
C VAL B 258 -2.12 -9.66 -20.22
N PRO B 259 -1.43 -8.55 -20.59
CA PRO B 259 0.03 -8.52 -20.63
C PRO B 259 0.64 -8.71 -19.25
N VAL B 260 1.58 -9.66 -19.12
CA VAL B 260 2.15 -10.00 -17.84
C VAL B 260 3.64 -9.71 -17.83
N ASP B 261 4.05 -8.80 -16.93
CA ASP B 261 5.44 -8.51 -16.62
C ASP B 261 5.61 -8.61 -15.11
N VAL B 262 6.75 -8.11 -14.60
CA VAL B 262 7.07 -8.16 -13.18
C VAL B 262 6.14 -7.24 -12.38
N HIS B 263 5.64 -6.17 -13.02
CA HIS B 263 4.83 -5.19 -12.35
C HIS B 263 3.46 -5.76 -12.00
N VAL B 264 2.91 -6.61 -12.87
CA VAL B 264 1.59 -7.20 -12.62
C VAL B 264 1.75 -8.36 -11.63
N TRP B 265 2.91 -9.05 -11.69
CA TRP B 265 3.28 -10.02 -10.68
C TRP B 265 3.18 -9.40 -9.28
N GLN B 266 3.74 -8.20 -9.14
CA GLN B 266 3.75 -7.47 -7.88
C GLN B 266 2.32 -7.25 -7.39
N ILE B 267 1.49 -6.67 -8.25
CA ILE B 267 0.10 -6.35 -7.92
C ILE B 267 -0.65 -7.63 -7.58
N ALA B 268 -0.47 -8.67 -8.42
CA ALA B 268 -1.13 -9.95 -8.21
C ALA B 268 -0.82 -10.48 -6.81
N HIS B 269 0.47 -10.50 -6.47
CA HIS B 269 0.91 -11.09 -5.21
C HIS B 269 0.48 -10.21 -4.04
N ARG B 270 0.69 -8.89 -4.16
CA ARG B 270 0.41 -7.98 -3.05
C ARG B 270 -1.10 -7.86 -2.82
N ASP B 271 -1.85 -7.64 -3.92
CA ASP B 271 -3.24 -7.21 -3.82
C ASP B 271 -4.22 -8.38 -3.94
N TYR B 272 -3.78 -9.50 -4.52
CA TYR B 272 -4.65 -10.66 -4.70
C TYR B 272 -4.11 -11.90 -3.99
N GLY B 273 -2.90 -11.81 -3.43
CA GLY B 273 -2.30 -12.92 -2.70
C GLY B 273 -1.99 -14.11 -3.62
N TRP B 274 -1.73 -13.82 -4.89
CA TRP B 274 -1.50 -14.86 -5.87
C TRP B 274 -0.06 -15.36 -5.79
N HIS B 275 0.09 -16.69 -5.86
CA HIS B 275 1.37 -17.33 -6.13
C HIS B 275 1.15 -18.36 -7.24
N PRO B 276 2.18 -18.69 -8.05
CA PRO B 276 2.05 -19.78 -9.02
C PRO B 276 1.85 -21.10 -8.25
N LYS B 277 1.78 -22.21 -8.97
CA LYS B 277 1.75 -23.54 -8.36
C LYS B 277 2.94 -24.36 -8.88
N THR B 278 3.65 -25.01 -7.94
CA THR B 278 4.66 -26.00 -8.26
C THR B 278 5.86 -25.34 -8.93
N SER B 279 5.76 -24.05 -9.27
CA SER B 279 6.76 -23.36 -10.05
C SER B 279 8.02 -23.12 -9.23
N GLN B 280 8.90 -24.13 -9.21
CA GLN B 280 10.06 -24.17 -8.32
C GLN B 280 10.79 -22.82 -8.32
N ALA B 281 10.84 -22.16 -9.48
CA ALA B 281 11.43 -20.83 -9.59
C ALA B 281 10.92 -19.91 -8.47
N GLY B 283 8.78 -17.46 -9.12
CA GLY B 283 9.35 -16.36 -9.91
C GLY B 283 8.86 -16.40 -11.36
N PRO B 284 8.79 -15.25 -12.07
CA PRO B 284 8.38 -15.20 -13.47
C PRO B 284 8.97 -16.29 -14.35
N SER B 285 8.10 -16.92 -15.16
CA SER B 285 8.49 -17.95 -16.11
C SER B 285 7.48 -17.96 -17.26
N PRO B 286 7.81 -18.55 -18.42
CA PRO B 286 6.84 -18.65 -19.52
C PRO B 286 5.48 -19.16 -19.08
N LEU B 287 5.49 -20.22 -18.26
CA LEU B 287 4.29 -20.92 -17.86
C LEU B 287 3.57 -20.16 -16.75
N ALA B 288 4.34 -19.63 -15.79
CA ALA B 288 3.78 -18.91 -14.65
C ALA B 288 3.11 -17.61 -15.11
N ASN B 289 3.69 -16.96 -16.11
CA ASN B 289 3.12 -15.74 -16.67
C ASN B 289 1.76 -16.04 -17.29
N LYS B 290 1.70 -17.14 -18.06
CA LYS B 290 0.47 -17.52 -18.75
C LYS B 290 -0.58 -17.92 -17.72
N GLU B 291 -0.14 -18.64 -16.68
CA GLU B 291 -1.00 -19.01 -15.56
C GLU B 291 -1.64 -17.76 -14.96
N LEU B 292 -0.83 -16.70 -14.79
CA LEU B 292 -1.28 -15.47 -14.17
C LEU B 292 -2.26 -14.75 -15.11
N GLY B 293 -2.00 -14.83 -16.41
CA GLY B 293 -2.92 -14.27 -17.40
C GLY B 293 -4.30 -14.90 -17.29
N ASN B 294 -4.31 -16.24 -17.20
CA ASN B 294 -5.55 -17.01 -17.06
C ASN B 294 -6.24 -16.66 -15.75
N PHE B 295 -5.45 -16.43 -14.69
CA PHE B 295 -6.00 -16.08 -13.39
C PHE B 295 -6.89 -14.84 -13.51
N PHE B 296 -6.40 -13.80 -14.21
CA PHE B 296 -7.11 -12.54 -14.27
C PHE B 296 -8.32 -12.62 -15.19
N ARG B 297 -8.23 -13.43 -16.26
CA ARG B 297 -9.36 -13.67 -17.14
C ARG B 297 -10.49 -14.33 -16.36
N ASN B 298 -10.16 -15.31 -15.52
CA ASN B 298 -11.13 -16.03 -14.72
C ASN B 298 -11.86 -15.06 -13.79
N LEU B 299 -11.10 -14.14 -13.17
CA LEU B 299 -11.64 -13.23 -12.17
C LEU B 299 -12.49 -12.15 -12.82
N TRP B 300 -11.98 -11.53 -13.89
CA TRP B 300 -12.58 -10.33 -14.45
C TRP B 300 -13.50 -10.66 -15.64
N GLY B 301 -13.14 -11.66 -16.42
CA GLY B 301 -13.95 -12.10 -17.55
C GLY B 301 -13.31 -11.73 -18.88
N PRO B 302 -14.11 -11.48 -19.94
CA PRO B 302 -13.56 -11.33 -21.30
C PRO B 302 -12.93 -9.97 -21.63
N TYR B 303 -13.07 -9.00 -20.71
CA TYR B 303 -12.46 -7.69 -20.86
C TYR B 303 -11.42 -7.50 -19.75
N ALA B 304 -10.64 -8.57 -19.48
CA ALA B 304 -9.68 -8.57 -18.40
C ALA B 304 -8.60 -7.52 -18.65
N GLY B 305 -8.11 -7.46 -19.90
CA GLY B 305 -7.10 -6.49 -20.28
C GLY B 305 -7.52 -5.06 -19.98
N TRP B 306 -8.81 -4.75 -20.18
CA TRP B 306 -9.34 -3.42 -19.94
C TRP B 306 -9.33 -3.14 -18.43
N ALA B 307 -9.70 -4.15 -17.64
CA ALA B 307 -9.69 -4.04 -16.19
C ALA B 307 -8.27 -3.75 -15.71
N GLN B 308 -7.30 -4.49 -16.26
CA GLN B 308 -5.90 -4.27 -15.97
C GLN B 308 -5.53 -2.81 -16.24
N ALA B 309 -5.97 -2.27 -17.37
CA ALA B 309 -5.66 -0.90 -17.76
C ALA B 309 -6.08 0.09 -16.67
N VAL B 310 -7.16 -0.23 -15.96
CA VAL B 310 -7.63 0.63 -14.88
C VAL B 310 -6.62 0.59 -13.74
N LEU B 311 -6.17 -0.61 -13.36
CA LEU B 311 -5.21 -0.78 -12.29
C LEU B 311 -3.89 -0.10 -12.65
N PHE B 312 -3.46 -0.27 -13.90
CA PHE B 312 -2.22 0.31 -14.39
C PHE B 312 -2.27 1.83 -14.27
N SER B 313 -3.39 2.43 -14.68
CA SER B 313 -3.56 3.88 -14.62
C SER B 313 -3.65 4.38 -13.19
N ALA B 314 -4.03 3.48 -12.26
CA ALA B 314 -4.16 3.84 -10.84
C ALA B 314 -2.83 3.65 -10.10
N ASP B 315 -1.82 3.11 -10.79
CA ASP B 315 -0.54 2.80 -10.18
C ASP B 315 0.51 3.83 -10.58
N LEU B 316 0.33 4.46 -11.76
CA LEU B 316 1.16 5.55 -12.24
C LEU B 316 1.02 6.76 -11.32
N ARG B 317 -0.14 6.89 -10.65
CA ARG B 317 -0.36 7.93 -9.67
C ARG B 317 -0.18 7.34 -8.27
N GLY C 1 -52.07 8.08 20.13
CA GLY C 1 -50.96 8.90 20.64
C GLY C 1 -50.33 9.75 19.54
N SER C 2 -49.40 10.62 19.93
CA SER C 2 -48.69 11.48 19.01
C SER C 2 -47.78 10.66 18.10
N HIS C 3 -47.64 11.10 16.84
CA HIS C 3 -46.65 10.54 15.95
C HIS C 3 -45.26 10.73 16.55
N MET C 4 -44.55 9.61 16.78
CA MET C 4 -43.20 9.67 17.32
C MET C 4 -42.22 9.83 16.16
N ARG C 5 -41.11 10.53 16.42
CA ARG C 5 -40.06 10.71 15.44
C ARG C 5 -38.72 10.26 16.02
N HIS C 6 -37.75 10.07 15.12
CA HIS C 6 -36.38 9.76 15.48
C HIS C 6 -35.75 10.98 16.14
N ARG C 7 -35.25 10.77 17.37
CA ARG C 7 -34.79 11.87 18.20
C ARG C 7 -33.37 12.26 17.79
N THR C 8 -33.08 13.56 17.91
CA THR C 8 -31.73 14.09 17.92
C THR C 8 -31.45 14.58 19.34
N LEU C 9 -30.23 15.02 19.60
CA LEU C 9 -29.84 15.49 20.92
C LEU C 9 -30.52 16.84 21.20
N SER C 10 -30.70 17.64 20.14
CA SER C 10 -31.38 18.93 20.23
C SER C 10 -32.89 18.75 20.32
N SER C 11 -33.44 17.78 19.57
CA SER C 11 -34.88 17.61 19.44
C SER C 11 -35.54 17.34 20.79
N SER C 12 -34.95 16.45 21.59
CA SER C 12 -35.61 15.93 22.78
C SER C 12 -34.63 15.82 23.95
N PRO C 13 -33.92 16.91 24.32
CA PRO C 13 -32.78 16.82 25.24
C PRO C 13 -33.10 16.23 26.63
N ALA C 14 -34.37 16.31 27.02
CA ALA C 14 -34.80 15.79 28.31
C ALA C 14 -34.59 14.28 28.37
N LEU C 15 -34.97 13.60 27.29
CA LEU C 15 -35.13 12.15 27.26
C LEU C 15 -33.79 11.41 27.11
N TRP C 16 -32.72 12.13 26.75
CA TRP C 16 -31.40 11.53 26.62
C TRP C 16 -30.76 11.37 28.01
N ALA C 17 -30.07 10.24 28.18
CA ALA C 17 -29.17 10.03 29.31
C ALA C 17 -27.77 9.78 28.75
N SER C 18 -26.81 9.48 29.63
CA SER C 18 -25.42 9.34 29.19
C SER C 18 -24.70 8.27 30.01
N ILE C 19 -23.77 7.59 29.34
CA ILE C 19 -22.82 6.70 29.98
C ILE C 19 -21.42 7.28 29.75
N PRO C 20 -20.60 7.46 30.82
CA PRO C 20 -19.28 8.06 30.67
C PRO C 20 -18.35 7.12 29.91
N CYS C 21 -17.97 7.52 28.69
CA CYS C 21 -17.27 6.63 27.78
C CYS C 21 -16.53 7.48 26.74
N PRO C 22 -15.18 7.53 26.78
CA PRO C 22 -14.41 8.30 25.80
C PRO C 22 -14.57 7.72 24.40
N ARG C 23 -14.42 8.58 23.39
CA ARG C 23 -14.49 8.19 22.00
C ARG C 23 -13.30 7.27 21.64
N SER C 24 -12.29 7.23 22.52
CA SER C 24 -11.16 6.34 22.33
C SER C 24 -11.52 4.90 22.74
N GLU C 25 -12.54 4.74 23.58
CA GLU C 25 -12.97 3.42 24.03
C GLU C 25 -14.06 2.85 23.12
N LEU C 26 -14.74 3.70 22.34
CA LEU C 26 -15.86 3.27 21.52
C LEU C 26 -16.19 4.33 20.46
N ARG C 27 -16.14 3.94 19.19
CA ARG C 27 -16.60 4.76 18.08
C ARG C 27 -17.80 4.10 17.41
N LEU C 28 -18.98 4.63 17.70
CA LEU C 28 -20.25 4.12 17.17
C LEU C 28 -20.17 3.95 15.66
N ASP C 29 -19.56 4.91 14.96
CA ASP C 29 -19.57 4.95 13.51
C ASP C 29 -18.71 3.82 12.93
N LEU C 30 -17.85 3.19 13.76
CA LEU C 30 -16.99 2.11 13.31
C LEU C 30 -17.53 0.75 13.75
N VAL C 31 -18.48 0.73 14.68
CA VAL C 31 -18.89 -0.49 15.36
C VAL C 31 -20.28 -0.95 14.92
N LEU C 32 -21.18 0.00 14.64
CA LEU C 32 -22.59 -0.32 14.49
C LEU C 32 -22.97 -0.70 13.06
N ALA C 33 -22.15 -0.29 12.08
CA ALA C 33 -22.34 -0.69 10.69
C ALA C 33 -21.16 -1.53 10.21
N SER C 34 -20.38 -2.06 11.16
CA SER C 34 -19.15 -2.77 10.88
C SER C 34 -19.42 -4.19 10.39
N GLY C 35 -20.67 -4.65 10.50
CA GLY C 35 -21.03 -6.01 10.12
C GLY C 35 -20.94 -6.98 11.30
N GLN C 36 -21.00 -6.43 12.54
CA GLN C 36 -21.23 -7.24 13.72
C GLN C 36 -22.74 -7.44 13.86
N SER C 37 -23.44 -6.31 14.02
CA SER C 37 -24.89 -6.26 14.00
C SER C 37 -25.32 -5.63 12.68
N PHE C 38 -26.55 -5.93 12.26
CA PHE C 38 -27.09 -5.43 11.01
C PHE C 38 -28.38 -4.66 11.28
N ARG C 39 -28.56 -4.19 12.51
CA ARG C 39 -29.84 -3.67 12.96
C ARG C 39 -29.77 -2.16 13.26
N TRP C 40 -28.60 -1.56 13.05
CA TRP C 40 -28.39 -0.15 13.34
C TRP C 40 -28.30 0.64 12.03
N LYS C 41 -29.00 1.78 11.98
CA LYS C 41 -28.91 2.70 10.87
C LYS C 41 -28.71 4.12 11.40
N GLU C 42 -27.98 4.92 10.61
CA GLU C 42 -27.76 6.33 10.91
C GLU C 42 -28.92 7.12 10.31
N GLN C 43 -30.02 7.21 11.07
CA GLN C 43 -31.27 7.78 10.57
C GLN C 43 -31.10 9.27 10.33
N SER C 44 -30.68 10.00 11.36
CA SER C 44 -30.20 11.37 11.20
C SER C 44 -28.70 11.39 11.46
N PRO C 45 -27.92 12.22 10.69
CA PRO C 45 -26.47 12.32 10.88
C PRO C 45 -25.95 12.17 12.31
N ALA C 46 -25.05 11.19 12.50
CA ALA C 46 -24.37 10.93 13.76
C ALA C 46 -25.31 10.37 14.82
N HIS C 47 -26.50 9.89 14.40
CA HIS C 47 -27.51 9.39 15.32
C HIS C 47 -27.91 7.98 14.88
N TRP C 48 -27.52 6.99 15.69
CA TRP C 48 -27.66 5.59 15.34
C TRP C 48 -28.84 4.97 16.06
N SER C 49 -29.83 4.48 15.28
CA SER C 49 -31.03 3.88 15.83
C SER C 49 -31.09 2.41 15.47
N GLY C 50 -31.53 1.59 16.43
CA GLY C 50 -31.67 0.16 16.20
C GLY C 50 -32.44 -0.49 17.35
N VAL C 51 -32.78 -1.77 17.14
CA VAL C 51 -33.49 -2.58 18.12
C VAL C 51 -32.48 -3.36 18.95
N LEU C 52 -32.84 -3.56 20.22
CA LEU C 52 -32.03 -4.28 21.18
C LEU C 52 -32.96 -4.90 22.21
N ALA C 53 -33.01 -6.24 22.23
CA ALA C 53 -33.76 -6.99 23.24
C ALA C 53 -35.19 -6.48 23.33
N ASP C 54 -35.88 -6.36 22.19
CA ASP C 54 -37.30 -6.03 22.12
C ASP C 54 -37.54 -4.61 22.62
N GLN C 55 -36.60 -3.71 22.29
CA GLN C 55 -36.69 -2.29 22.61
C GLN C 55 -35.87 -1.52 21.59
N VAL C 56 -36.30 -0.29 21.28
CA VAL C 56 -35.60 0.57 20.35
C VAL C 56 -34.69 1.50 21.13
N TRP C 57 -33.59 1.92 20.49
CA TRP C 57 -32.68 2.91 21.02
C TRP C 57 -32.26 3.86 19.90
N THR C 58 -31.85 5.08 20.27
CA THR C 58 -31.04 5.93 19.40
C THR C 58 -29.81 6.35 20.18
N LEU C 59 -28.64 6.31 19.52
CA LEU C 59 -27.36 6.53 20.16
C LEU C 59 -26.58 7.60 19.40
N THR C 60 -25.83 8.40 20.16
CA THR C 60 -24.87 9.36 19.61
C THR C 60 -23.87 9.70 20.72
N GLN C 61 -22.71 10.29 20.37
CA GLN C 61 -21.65 10.47 21.35
C GLN C 61 -20.92 11.80 21.14
N THR C 62 -20.24 12.25 22.19
CA THR C 62 -19.33 13.39 22.15
C THR C 62 -17.90 12.86 22.25
N GLU C 63 -16.97 13.68 22.76
CA GLU C 63 -15.59 13.28 22.93
C GLU C 63 -15.45 12.39 24.18
N ASP C 64 -16.35 12.58 25.16
CA ASP C 64 -16.21 11.90 26.44
C ASP C 64 -17.52 11.26 26.90
N GLN C 65 -18.62 11.48 26.16
CA GLN C 65 -19.92 10.95 26.57
C GLN C 65 -20.58 10.18 25.44
N LEU C 66 -21.24 9.09 25.83
CA LEU C 66 -22.16 8.34 24.99
C LEU C 66 -23.58 8.73 25.36
N TYR C 67 -24.21 9.56 24.52
CA TYR C 67 -25.58 10.00 24.74
C TYR C 67 -26.52 8.97 24.10
N CYS C 68 -27.56 8.58 24.85
CA CYS C 68 -28.44 7.51 24.44
C CYS C 68 -29.85 7.76 24.99
N THR C 69 -30.85 7.29 24.24
CA THR C 69 -32.25 7.36 24.66
C THR C 69 -32.98 6.10 24.21
N VAL C 70 -34.11 5.82 24.86
CA VAL C 70 -34.88 4.60 24.64
C VAL C 70 -36.30 4.97 24.22
N TYR C 71 -36.96 4.06 23.48
CA TYR C 71 -38.34 4.25 23.09
C TYR C 71 -39.21 3.10 23.59
N ARG C 72 -39.85 3.31 24.75
CA ARG C 72 -40.94 2.46 25.21
C ARG C 72 -42.19 3.07 24.56
N GLY C 73 -43.33 2.38 24.69
CA GLY C 73 -44.49 2.65 23.83
C GLY C 73 -45.21 3.96 24.15
N ASP C 74 -45.33 4.31 25.44
CA ASP C 74 -46.34 5.27 25.89
C ASP C 74 -45.69 6.46 26.58
N ASP C 75 -46.24 7.66 26.34
CA ASP C 75 -45.89 8.85 27.09
C ASP C 75 -46.52 8.77 28.49
N VAL C 78 -42.98 7.96 28.28
CA VAL C 78 -41.66 8.43 27.75
C VAL C 78 -40.86 8.97 28.94
N SER C 79 -39.70 8.36 29.17
CA SER C 79 -38.80 8.77 30.24
C SER C 79 -37.37 8.78 29.69
N ARG C 80 -36.39 8.92 30.57
CA ARG C 80 -34.99 8.73 30.20
C ARG C 80 -34.63 7.28 30.52
N PRO C 81 -33.66 6.66 29.80
CA PRO C 81 -33.17 5.32 30.13
C PRO C 81 -33.03 5.10 31.64
N THR C 82 -33.53 3.96 32.13
CA THR C 82 -33.42 3.60 33.52
C THR C 82 -31.98 3.19 33.80
N LEU C 83 -31.71 2.70 35.02
CA LEU C 83 -30.40 2.20 35.39
C LEU C 83 -30.14 0.87 34.69
N GLU C 84 -31.08 -0.07 34.85
CA GLU C 84 -30.94 -1.41 34.31
C GLU C 84 -30.89 -1.35 32.78
N GLU C 85 -31.66 -0.44 32.18
CA GLU C 85 -31.62 -0.22 30.75
C GLU C 85 -30.22 0.20 30.31
N LEU C 86 -29.52 0.97 31.16
CA LEU C 86 -28.18 1.44 30.83
C LEU C 86 -27.14 0.37 31.17
N GLU C 87 -27.42 -0.50 32.14
CA GLU C 87 -26.57 -1.66 32.41
C GLU C 87 -26.59 -2.58 31.19
N THR C 88 -27.77 -2.74 30.59
CA THR C 88 -27.93 -3.51 29.36
C THR C 88 -26.98 -2.97 28.29
N LEU C 89 -27.01 -1.65 28.10
CA LEU C 89 -26.24 -0.99 27.07
C LEU C 89 -24.75 -1.12 27.37
N HIS C 90 -24.37 -0.98 28.64
CA HIS C 90 -23.00 -1.13 29.11
C HIS C 90 -22.49 -2.52 28.75
N LYS C 91 -23.32 -3.55 29.00
CA LYS C 91 -22.95 -4.93 28.76
C LYS C 91 -22.82 -5.19 27.26
N TYR C 92 -23.78 -4.67 26.49
CA TYR C 92 -23.78 -4.81 25.04
C TYR C 92 -22.44 -4.39 24.46
N PHE C 93 -21.85 -3.31 25.00
CA PHE C 93 -20.61 -2.75 24.51
C PHE C 93 -19.40 -3.30 25.28
N GLN C 94 -19.64 -4.20 26.23
CA GLN C 94 -18.56 -4.85 26.99
C GLN C 94 -17.57 -3.80 27.47
N LEU C 95 -18.07 -2.81 28.20
CA LEU C 95 -17.30 -1.63 28.56
C LEU C 95 -16.43 -1.91 29.79
N ASP C 96 -16.68 -3.02 30.48
CA ASP C 96 -15.76 -3.54 31.49
C ASP C 96 -14.35 -3.57 30.93
N VAL C 97 -14.22 -4.04 29.69
CA VAL C 97 -12.95 -4.33 29.07
C VAL C 97 -12.30 -3.03 28.60
N SER C 98 -11.03 -2.82 28.99
CA SER C 98 -10.28 -1.63 28.65
C SER C 98 -9.66 -1.80 27.26
N LEU C 99 -10.08 -0.95 26.32
CA LEU C 99 -9.61 -1.03 24.95
C LEU C 99 -8.23 -0.39 24.84
N ALA C 100 -7.96 0.63 25.67
CA ALA C 100 -6.67 1.29 25.70
C ALA C 100 -5.56 0.30 26.05
N GLN C 101 -5.88 -0.63 26.97
CA GLN C 101 -4.94 -1.67 27.38
C GLN C 101 -4.71 -2.65 26.24
N LEU C 102 -5.77 -3.00 25.51
CA LEU C 102 -5.68 -3.99 24.46
C LEU C 102 -4.89 -3.44 23.28
N TYR C 103 -5.17 -2.19 22.89
CA TYR C 103 -4.43 -1.54 21.83
C TYR C 103 -2.94 -1.53 22.18
N SER C 104 -2.63 -1.09 23.41
CA SER C 104 -1.26 -1.03 23.89
C SER C 104 -0.58 -2.40 23.80
N HIS C 105 -1.29 -3.45 24.26
CA HIS C 105 -0.74 -4.80 24.28
C HIS C 105 -0.44 -5.27 22.86
N TRP C 106 -1.39 -5.06 21.95
CA TRP C 106 -1.24 -5.51 20.58
C TRP C 106 -0.11 -4.76 19.88
N ALA C 107 -0.12 -3.43 20.01
CA ALA C 107 0.88 -2.58 19.40
C ALA C 107 2.29 -3.03 19.79
N SER C 108 2.44 -3.52 21.03
CA SER C 108 3.74 -3.89 21.56
C SER C 108 4.31 -5.11 20.85
N VAL C 109 3.43 -6.00 20.35
CA VAL C 109 3.84 -7.27 19.77
C VAL C 109 3.67 -7.26 18.24
N ASP C 110 3.17 -6.15 17.69
CA ASP C 110 2.74 -6.12 16.29
C ASP C 110 2.92 -4.71 15.75
N SER C 111 4.02 -4.49 15.02
CA SER C 111 4.40 -3.17 14.53
C SER C 111 3.44 -2.70 13.45
N HIS C 112 2.86 -3.65 12.70
CA HIS C 112 1.86 -3.31 11.69
C HIS C 112 0.63 -2.72 12.39
N PHE C 113 0.18 -3.37 13.46
CA PHE C 113 -0.98 -2.92 14.22
C PHE C 113 -0.75 -1.49 14.70
N GLN C 114 0.48 -1.21 15.16
CA GLN C 114 0.86 0.08 15.70
C GLN C 114 0.58 1.18 14.68
N ARG C 115 0.93 0.92 13.41
CA ARG C 115 0.84 1.92 12.35
C ARG C 115 -0.63 2.13 11.95
N VAL C 116 -1.44 1.07 12.03
CA VAL C 116 -2.79 1.06 11.47
C VAL C 116 -3.80 1.53 12.51
N ALA C 117 -3.62 1.14 13.78
CA ALA C 117 -4.61 1.37 14.82
C ALA C 117 -4.78 2.86 15.13
N GLN C 118 -3.73 3.66 14.85
CA GLN C 118 -3.70 5.08 15.16
C GLN C 118 -5.00 5.79 14.77
N LYS C 119 -5.42 5.60 13.51
CA LYS C 119 -6.52 6.38 12.96
C LYS C 119 -7.85 5.67 13.17
N PHE C 120 -7.84 4.53 13.86
CA PHE C 120 -9.07 3.77 14.11
C PHE C 120 -9.09 3.29 15.56
N GLN C 121 -9.35 4.23 16.48
CA GLN C 121 -9.52 3.91 17.87
C GLN C 121 -10.98 3.57 18.11
N GLY C 122 -11.26 2.92 19.24
CA GLY C 122 -12.62 2.71 19.70
C GLY C 122 -13.34 1.61 18.92
N VAL C 123 -12.58 0.65 18.40
CA VAL C 123 -13.16 -0.50 17.73
C VAL C 123 -13.23 -1.65 18.74
N ARG C 124 -14.46 -1.94 19.20
CA ARG C 124 -14.67 -3.01 20.17
C ARG C 124 -15.74 -3.96 19.64
N LEU C 125 -15.91 -5.08 20.34
CA LEU C 125 -16.92 -6.06 19.99
C LEU C 125 -18.18 -5.86 20.82
N LEU C 126 -19.32 -6.04 20.14
CA LEU C 126 -20.62 -6.06 20.80
C LEU C 126 -20.81 -7.43 21.42
N ARG C 127 -21.60 -7.48 22.50
CA ARG C 127 -22.05 -8.72 23.09
C ARG C 127 -23.50 -8.94 22.67
N GLN C 128 -23.67 -9.74 21.61
CA GLN C 128 -24.95 -9.88 20.94
C GLN C 128 -25.72 -11.05 21.55
N ASP C 129 -27.05 -10.99 21.40
CA ASP C 129 -27.91 -12.11 21.74
C ASP C 129 -27.57 -13.27 20.82
N PRO C 130 -27.22 -14.46 21.38
CA PRO C 130 -26.88 -15.62 20.54
C PRO C 130 -27.84 -15.90 19.40
N THR C 131 -29.15 -15.86 19.68
CA THR C 131 -30.17 -16.19 18.69
C THR C 131 -30.05 -15.23 17.51
N GLU C 132 -30.13 -13.92 17.79
CA GLU C 132 -30.07 -12.90 16.77
C GLU C 132 -28.79 -13.05 15.95
N CYS C 133 -27.68 -13.36 16.63
CA CYS C 133 -26.39 -13.48 15.99
C CYS C 133 -26.38 -14.69 15.05
N LEU C 134 -26.82 -15.84 15.60
CA LEU C 134 -26.74 -17.11 14.91
C LEU C 134 -27.44 -17.00 13.56
N PHE C 135 -28.72 -16.60 13.60
CA PHE C 135 -29.57 -16.65 12.42
C PHE C 135 -29.18 -15.53 11.46
N SER C 136 -28.69 -14.40 12.00
CA SER C 136 -28.19 -13.32 11.15
C SER C 136 -27.04 -13.82 10.29
N PHE C 137 -26.16 -14.64 10.88
CA PHE C 137 -24.93 -15.04 10.20
C PHE C 137 -25.15 -16.31 9.36
N ILE C 138 -26.28 -17.01 9.58
CA ILE C 138 -26.66 -18.08 8.68
C ILE C 138 -27.10 -17.47 7.35
N CYS C 139 -27.71 -16.28 7.40
CA CYS C 139 -28.23 -15.62 6.21
C CYS C 139 -27.11 -14.97 5.40
N SER C 140 -25.84 -15.14 5.82
CA SER C 140 -24.75 -14.28 5.37
C SER C 140 -23.79 -15.00 4.42
N SER C 141 -24.30 -15.77 3.44
CA SER C 141 -23.45 -16.57 2.59
C SER C 141 -22.88 -15.73 1.44
N ASN C 142 -21.57 -15.44 1.49
CA ASN C 142 -20.88 -14.66 0.48
C ASN C 142 -21.61 -13.35 0.18
N ASN C 143 -22.37 -12.81 1.16
CA ASN C 143 -23.20 -11.65 0.95
C ASN C 143 -22.40 -10.42 1.36
N ASN C 144 -23.00 -9.23 1.20
CA ASN C 144 -22.43 -8.00 1.70
C ASN C 144 -23.32 -7.47 2.82
N ILE C 145 -22.79 -6.51 3.59
CA ILE C 145 -23.49 -5.98 4.75
C ILE C 145 -24.86 -5.46 4.33
N ALA C 146 -24.92 -4.78 3.19
CA ALA C 146 -26.16 -4.20 2.68
C ALA C 146 -27.25 -5.27 2.53
N ARG C 147 -26.89 -6.39 1.90
CA ARG C 147 -27.85 -7.46 1.60
C ARG C 147 -28.29 -8.14 2.89
N ILE C 148 -27.34 -8.39 3.80
CA ILE C 148 -27.64 -9.09 5.05
C ILE C 148 -28.57 -8.22 5.89
N THR C 149 -28.21 -6.94 6.03
CA THR C 149 -29.03 -5.94 6.71
C THR C 149 -30.47 -6.03 6.20
N GLY C 150 -30.62 -6.09 4.87
CA GLY C 150 -31.92 -6.18 4.25
C GLY C 150 -32.66 -7.44 4.67
N MET C 151 -32.02 -8.60 4.49
CA MET C 151 -32.63 -9.88 4.79
C MET C 151 -33.09 -9.93 6.23
N VAL C 152 -32.26 -9.42 7.15
CA VAL C 152 -32.55 -9.49 8.58
C VAL C 152 -33.72 -8.58 8.92
N GLU C 153 -33.83 -7.43 8.23
CA GLU C 153 -34.93 -6.50 8.50
C GLU C 153 -36.25 -7.15 8.06
N ARG C 154 -36.26 -7.68 6.83
CA ARG C 154 -37.45 -8.31 6.28
C ARG C 154 -37.85 -9.52 7.12
N LEU C 155 -36.84 -10.25 7.62
CA LEU C 155 -37.06 -11.43 8.45
C LEU C 155 -37.74 -11.05 9.75
N CYS C 156 -37.27 -9.95 10.37
CA CYS C 156 -37.82 -9.48 11.63
C CYS C 156 -39.23 -8.95 11.43
N GLN C 157 -39.47 -8.25 10.32
CA GLN C 157 -40.76 -7.68 10.01
C GLN C 157 -41.81 -8.80 9.89
N ALA C 158 -41.43 -9.88 9.20
CA ALA C 158 -42.37 -10.93 8.83
C ALA C 158 -42.62 -11.91 9.98
N PHE C 159 -41.62 -12.11 10.86
CA PHE C 159 -41.69 -13.14 11.89
C PHE C 159 -41.65 -12.57 13.30
N GLY C 160 -41.12 -11.36 13.47
CA GLY C 160 -40.83 -10.82 14.79
C GLY C 160 -41.95 -9.91 15.28
N PRO C 161 -42.09 -9.70 16.61
CA PRO C 161 -43.09 -8.80 17.16
C PRO C 161 -42.86 -7.34 16.77
N ARG C 162 -43.91 -6.67 16.31
CA ARG C 162 -43.91 -5.24 16.09
C ARG C 162 -43.71 -4.53 17.43
N LEU C 163 -42.89 -3.47 17.44
CA LEU C 163 -42.56 -2.76 18.66
C LEU C 163 -43.15 -1.36 18.64
N ILE C 164 -42.72 -0.55 17.65
CA ILE C 164 -43.04 0.86 17.60
C ILE C 164 -42.78 1.36 16.19
N GLN C 165 -43.41 2.49 15.85
CA GLN C 165 -43.15 3.19 14.61
C GLN C 165 -42.52 4.55 14.93
N LEU C 166 -41.41 4.85 14.24
CA LEU C 166 -40.72 6.13 14.34
C LEU C 166 -40.50 6.64 12.92
N ASP C 167 -40.98 7.85 12.62
CA ASP C 167 -41.01 8.35 11.26
C ASP C 167 -41.74 7.31 10.40
N ASP C 168 -41.09 6.86 9.31
CA ASP C 168 -41.74 5.95 8.38
C ASP C 168 -41.21 4.53 8.59
N VAL C 169 -40.44 4.33 9.67
CA VAL C 169 -39.78 3.05 9.93
C VAL C 169 -40.51 2.34 11.06
N THR C 170 -40.83 1.05 10.82
CA THR C 170 -41.55 0.23 11.78
C THR C 170 -40.60 -0.84 12.32
N TYR C 171 -40.28 -0.75 13.62
CA TYR C 171 -39.25 -1.57 14.22
C TYR C 171 -39.88 -2.84 14.80
N HIS C 172 -39.29 -4.00 14.46
CA HIS C 172 -39.68 -5.28 15.01
C HIS C 172 -38.54 -5.86 15.83
N GLY C 173 -38.88 -6.62 16.87
CA GLY C 173 -37.91 -7.41 17.61
C GLY C 173 -37.42 -8.58 16.76
N PHE C 174 -36.34 -9.24 17.20
CA PHE C 174 -35.83 -10.40 16.48
C PHE C 174 -36.68 -11.60 16.90
N PRO C 175 -37.12 -12.47 15.95
CA PRO C 175 -37.96 -13.61 16.28
C PRO C 175 -37.31 -14.56 17.28
N ASN C 176 -38.16 -15.23 18.08
CA ASN C 176 -37.73 -16.28 18.98
C ASN C 176 -37.62 -17.57 18.17
N LEU C 177 -37.05 -18.61 18.79
CA LEU C 177 -36.82 -19.87 18.12
C LEU C 177 -38.14 -20.47 17.63
N HIS C 178 -39.14 -20.50 18.52
CA HIS C 178 -40.45 -21.07 18.21
C HIS C 178 -41.00 -20.51 16.90
N ALA C 179 -40.81 -19.20 16.69
CA ALA C 179 -41.34 -18.52 15.52
C ALA C 179 -40.68 -19.04 14.24
N LEU C 180 -39.40 -19.43 14.32
CA LEU C 180 -38.65 -19.89 13.15
C LEU C 180 -38.76 -21.40 12.98
N ALA C 181 -39.27 -22.09 14.01
CA ALA C 181 -39.33 -23.54 14.04
C ALA C 181 -40.60 -24.07 13.37
N GLY C 182 -41.57 -23.17 13.11
CA GLY C 182 -42.92 -23.55 12.73
C GLY C 182 -42.97 -24.27 11.38
N PRO C 183 -44.13 -24.91 11.04
CA PRO C 183 -44.22 -25.75 9.84
C PRO C 183 -44.06 -25.03 8.50
N GLU C 184 -44.66 -23.83 8.38
CA GLU C 184 -44.56 -23.04 7.15
C GLU C 184 -43.51 -21.96 7.34
N ALA C 185 -42.44 -22.31 8.06
CA ALA C 185 -41.35 -21.37 8.33
C ALA C 185 -40.52 -21.17 7.07
N GLU C 186 -40.07 -22.28 6.48
CA GLU C 186 -39.25 -22.26 5.28
C GLU C 186 -39.99 -21.55 4.17
N THR C 187 -41.26 -21.91 3.95
CA THR C 187 -42.08 -21.33 2.89
C THR C 187 -42.01 -19.80 2.94
N HIS C 188 -42.29 -19.25 4.12
CA HIS C 188 -42.35 -17.80 4.31
C HIS C 188 -40.96 -17.20 4.14
N LEU C 189 -39.94 -17.89 4.66
CA LEU C 189 -38.57 -17.42 4.59
C LEU C 189 -38.07 -17.43 3.14
N ARG C 190 -38.48 -18.44 2.38
CA ARG C 190 -38.06 -18.56 0.98
C ARG C 190 -38.72 -17.46 0.17
N LYS C 191 -39.89 -16.97 0.61
CA LYS C 191 -40.54 -15.82 0.01
C LYS C 191 -39.70 -14.55 0.19
N LEU C 192 -38.86 -14.53 1.24
CA LEU C 192 -38.05 -13.36 1.57
C LEU C 192 -36.68 -13.41 0.88
N GLY C 193 -36.41 -14.46 0.09
CA GLY C 193 -35.31 -14.45 -0.87
C GLY C 193 -34.03 -15.08 -0.30
N LEU C 194 -34.17 -15.93 0.71
CA LEU C 194 -33.02 -16.52 1.38
C LEU C 194 -32.46 -17.68 0.56
N GLY C 195 -33.32 -18.27 -0.29
CA GLY C 195 -32.93 -19.43 -1.07
C GLY C 195 -32.68 -20.64 -0.19
N TYR C 196 -31.54 -21.31 -0.43
CA TYR C 196 -31.16 -22.52 0.29
C TYR C 196 -31.09 -22.26 1.79
N ARG C 197 -30.74 -21.02 2.17
CA ARG C 197 -30.48 -20.67 3.55
C ARG C 197 -31.73 -20.81 4.42
N ALA C 198 -32.91 -20.78 3.78
CA ALA C 198 -34.17 -20.92 4.49
C ALA C 198 -34.26 -22.26 5.22
N ARG C 199 -33.82 -23.32 4.55
CA ARG C 199 -33.84 -24.67 5.13
C ARG C 199 -33.04 -24.69 6.42
N TYR C 200 -31.84 -24.09 6.38
CA TYR C 200 -30.89 -24.15 7.48
C TYR C 200 -31.42 -23.35 8.68
N VAL C 201 -32.09 -22.23 8.41
CA VAL C 201 -32.67 -21.41 9.46
C VAL C 201 -33.69 -22.24 10.24
N ARG C 202 -34.72 -22.74 9.52
CA ARG C 202 -35.79 -23.49 10.15
C ARG C 202 -35.20 -24.69 10.87
N ALA C 203 -34.39 -25.48 10.17
CA ALA C 203 -33.78 -26.70 10.70
C ALA C 203 -33.10 -26.41 12.04
N SER C 204 -32.26 -25.36 12.07
CA SER C 204 -31.48 -25.04 13.25
C SER C 204 -32.39 -24.59 14.40
N ALA C 205 -33.44 -23.84 14.07
CA ALA C 205 -34.38 -23.36 15.07
C ALA C 205 -35.18 -24.52 15.64
N LYS C 206 -35.70 -25.38 14.75
CA LYS C 206 -36.46 -26.55 15.14
C LYS C 206 -35.59 -27.46 16.01
N ALA C 207 -34.30 -27.56 15.66
CA ALA C 207 -33.37 -28.39 16.39
C ALA C 207 -33.17 -27.85 17.81
N ILE C 208 -32.85 -26.56 17.93
CA ILE C 208 -32.47 -25.98 19.20
C ILE C 208 -33.60 -26.12 20.22
N LEU C 209 -34.85 -25.94 19.75
CA LEU C 209 -36.03 -26.08 20.60
C LEU C 209 -36.14 -27.53 21.06
N GLU C 210 -36.35 -28.43 20.09
CA GLU C 210 -36.80 -29.78 20.36
C GLU C 210 -35.63 -30.64 20.84
N GLU C 211 -34.49 -30.54 20.15
CA GLU C 211 -33.35 -31.41 20.41
C GLU C 211 -32.48 -30.87 21.55
N GLN C 212 -32.27 -29.56 21.59
CA GLN C 212 -31.25 -28.98 22.47
C GLN C 212 -31.87 -28.34 23.72
N GLY C 213 -33.20 -28.26 23.78
CA GLY C 213 -33.90 -27.91 25.01
C GLY C 213 -33.93 -26.41 25.26
N GLY C 214 -34.13 -25.64 24.18
CA GLY C 214 -34.49 -24.24 24.31
C GLY C 214 -33.30 -23.30 24.20
N PRO C 215 -33.54 -21.97 24.13
CA PRO C 215 -32.49 -20.98 23.89
C PRO C 215 -31.43 -20.88 25.00
N ALA C 216 -31.75 -21.42 26.18
CA ALA C 216 -30.81 -21.44 27.28
C ALA C 216 -29.64 -22.37 26.98
N TRP C 217 -29.76 -23.22 25.96
CA TRP C 217 -28.64 -23.99 25.44
C TRP C 217 -27.49 -23.08 25.02
N LEU C 218 -27.82 -21.99 24.32
CA LEU C 218 -26.83 -21.05 23.83
C LEU C 218 -26.15 -20.33 24.99
N GLN C 219 -26.88 -20.07 26.07
CA GLN C 219 -26.29 -19.45 27.25
C GLN C 219 -25.29 -20.41 27.92
N GLN C 220 -25.56 -21.73 27.83
CA GLN C 220 -24.61 -22.71 28.32
C GLN C 220 -23.28 -22.57 27.57
N LEU C 221 -23.37 -22.37 26.25
CA LEU C 221 -22.19 -22.28 25.40
C LEU C 221 -21.39 -21.01 25.74
N ARG C 222 -22.07 -19.99 26.27
CA ARG C 222 -21.43 -18.75 26.67
C ARG C 222 -20.48 -19.00 27.85
N VAL C 223 -20.82 -19.94 28.73
CA VAL C 223 -19.98 -20.26 29.88
C VAL C 223 -19.06 -21.43 29.52
N ALA C 224 -19.46 -22.23 28.53
CA ALA C 224 -18.61 -23.32 28.04
C ALA C 224 -17.31 -22.76 27.46
N PRO C 225 -16.20 -23.53 27.45
CA PRO C 225 -14.95 -23.07 26.83
C PRO C 225 -15.06 -22.95 25.31
N TYR C 226 -14.23 -22.06 24.74
CA TYR C 226 -14.26 -21.73 23.31
C TYR C 226 -14.37 -22.98 22.47
N GLU C 227 -13.46 -23.93 22.68
CA GLU C 227 -13.27 -25.06 21.78
C GLU C 227 -14.52 -25.94 21.77
N GLU C 228 -15.16 -26.08 22.93
CA GLU C 228 -16.40 -26.86 23.05
C GLU C 228 -17.53 -26.16 22.31
N ALA C 229 -17.64 -24.84 22.51
CA ALA C 229 -18.71 -24.04 21.92
C ALA C 229 -18.62 -24.08 20.40
N HIS C 230 -17.39 -24.05 19.86
CA HIS C 230 -17.16 -24.03 18.42
C HIS C 230 -17.61 -25.36 17.81
N LYS C 231 -17.16 -26.46 18.42
CA LYS C 231 -17.54 -27.80 17.99
C LYS C 231 -19.06 -27.95 18.06
N ALA C 232 -19.65 -27.45 19.15
CA ALA C 232 -21.08 -27.51 19.37
C ALA C 232 -21.83 -26.79 18.25
N LEU C 233 -21.41 -25.57 17.94
CA LEU C 233 -22.05 -24.75 16.92
C LEU C 233 -21.95 -25.41 15.54
N CYS C 234 -20.80 -26.05 15.26
CA CYS C 234 -20.53 -26.60 13.95
C CYS C 234 -21.42 -27.81 13.63
N THR C 235 -22.13 -28.33 14.64
CA THR C 235 -23.09 -29.43 14.48
C THR C 235 -24.28 -28.96 13.65
N LEU C 236 -24.61 -27.68 13.78
CA LEU C 236 -25.89 -27.15 13.32
C LEU C 236 -25.94 -27.08 11.80
N PRO C 237 -27.15 -27.28 11.20
CA PRO C 237 -27.34 -27.05 9.77
C PRO C 237 -26.98 -25.61 9.40
N GLY C 238 -26.12 -25.47 8.38
CA GLY C 238 -25.78 -24.18 7.82
C GLY C 238 -24.61 -23.51 8.53
N VAL C 239 -24.06 -24.14 9.58
CA VAL C 239 -23.05 -23.50 10.41
C VAL C 239 -21.70 -24.19 10.24
N GLY C 240 -20.75 -23.48 9.62
CA GLY C 240 -19.37 -23.93 9.49
C GLY C 240 -18.43 -23.17 10.43
N ALA C 241 -17.13 -23.44 10.29
CA ALA C 241 -16.10 -22.89 11.16
C ALA C 241 -16.16 -21.36 11.20
N LYS C 242 -16.37 -20.73 10.04
CA LYS C 242 -16.34 -19.28 9.96
C LYS C 242 -17.49 -18.69 10.76
N VAL C 243 -18.72 -19.15 10.47
CA VAL C 243 -19.90 -18.64 11.15
C VAL C 243 -19.82 -18.96 12.63
N ALA C 244 -19.40 -20.18 12.97
CA ALA C 244 -19.25 -20.60 14.36
C ALA C 244 -18.31 -19.66 15.12
N ASP C 245 -17.22 -19.25 14.46
CA ASP C 245 -16.24 -18.35 15.07
C ASP C 245 -16.84 -16.95 15.24
N CYS C 246 -17.66 -16.52 14.28
CA CYS C 246 -18.32 -15.23 14.38
C CYS C 246 -19.19 -15.20 15.63
N ILE C 247 -19.98 -16.26 15.83
CA ILE C 247 -20.92 -16.34 16.94
C ILE C 247 -20.14 -16.41 18.25
N CYS C 248 -19.17 -17.34 18.33
CA CYS C 248 -18.32 -17.47 19.49
C CYS C 248 -17.79 -16.10 19.92
N LEU C 249 -17.27 -15.35 18.94
CA LEU C 249 -16.62 -14.07 19.20
C LEU C 249 -17.65 -13.02 19.61
N MET C 250 -18.80 -12.98 18.94
CA MET C 250 -19.69 -11.83 18.98
C MET C 250 -20.82 -12.03 20.00
N ALA C 251 -21.06 -13.27 20.45
CA ALA C 251 -22.22 -13.55 21.28
C ALA C 251 -21.93 -14.52 22.43
N LEU C 252 -20.78 -15.20 22.42
CA LEU C 252 -20.50 -16.23 23.41
C LEU C 252 -19.27 -15.89 24.24
N ASP C 253 -18.82 -14.63 24.20
CA ASP C 253 -17.72 -14.17 25.03
C ASP C 253 -16.51 -15.10 24.88
N LYS C 254 -16.06 -15.29 23.63
CA LYS C 254 -14.81 -15.96 23.34
C LYS C 254 -13.93 -15.00 22.56
N PRO C 255 -13.25 -14.04 23.24
CA PRO C 255 -12.46 -13.03 22.54
C PRO C 255 -11.35 -13.60 21.64
N GLN C 256 -10.96 -14.86 21.87
CA GLN C 256 -9.83 -15.46 21.17
C GLN C 256 -10.26 -16.05 19.84
N ALA C 257 -11.57 -16.18 19.61
CA ALA C 257 -12.09 -16.70 18.36
C ALA C 257 -11.72 -15.75 17.22
N VAL C 258 -11.17 -16.29 16.14
CA VAL C 258 -10.76 -15.53 14.98
C VAL C 258 -11.45 -16.13 13.75
N PRO C 259 -12.57 -15.53 13.26
CA PRO C 259 -13.21 -16.00 12.03
C PRO C 259 -12.30 -15.78 10.83
N VAL C 260 -12.11 -16.83 10.03
CA VAL C 260 -11.18 -16.79 8.91
C VAL C 260 -11.95 -16.96 7.59
N ASP C 261 -11.87 -15.94 6.74
CA ASP C 261 -12.39 -15.94 5.39
C ASP C 261 -11.27 -15.46 4.47
N VAL C 262 -11.63 -15.14 3.22
CA VAL C 262 -10.66 -14.74 2.22
C VAL C 262 -10.10 -13.36 2.54
N HIS C 263 -10.90 -12.53 3.24
CA HIS C 263 -10.51 -11.16 3.54
C HIS C 263 -9.35 -11.14 4.53
N VAL C 264 -9.36 -12.05 5.51
CA VAL C 264 -8.31 -12.08 6.53
C VAL C 264 -7.07 -12.76 5.93
N TRP C 265 -7.29 -13.72 5.04
CA TRP C 265 -6.21 -14.29 4.24
C TRP C 265 -5.41 -13.20 3.55
N GLN C 266 -6.13 -12.25 2.94
CA GLN C 266 -5.51 -11.16 2.19
C GLN C 266 -4.62 -10.34 3.12
N ILE C 267 -5.19 -9.92 4.25
CA ILE C 267 -4.49 -9.08 5.21
C ILE C 267 -3.29 -9.84 5.76
N ALA C 268 -3.51 -11.12 6.13
CA ALA C 268 -2.46 -11.96 6.67
C ALA C 268 -1.27 -11.99 5.71
N HIS C 269 -1.54 -12.27 4.44
CA HIS C 269 -0.49 -12.46 3.46
C HIS C 269 0.18 -11.11 3.14
N ARG C 270 -0.63 -10.07 2.93
CA ARG C 270 -0.11 -8.78 2.51
C ARG C 270 0.66 -8.12 3.65
N ASP C 271 0.05 -8.10 4.85
CA ASP C 271 0.49 -7.25 5.94
C ASP C 271 1.36 -8.01 6.93
N TYR C 272 1.28 -9.35 6.96
CA TYR C 272 2.06 -10.16 7.88
C TYR C 272 2.99 -11.11 7.14
N GLY C 273 2.86 -11.20 5.82
CA GLY C 273 3.70 -12.08 5.02
C GLY C 273 3.45 -13.55 5.35
N TRP C 274 2.22 -13.87 5.77
CA TRP C 274 1.88 -15.23 6.18
C TRP C 274 1.58 -16.09 4.96
N HIS C 275 2.12 -17.31 4.98
CA HIS C 275 1.71 -18.38 4.09
C HIS C 275 1.46 -19.62 4.95
N PRO C 276 0.58 -20.56 4.53
CA PRO C 276 0.39 -21.81 5.26
C PRO C 276 1.69 -22.62 5.25
N LYS C 277 2.21 -22.89 6.46
CA LYS C 277 3.47 -23.59 6.61
C LYS C 277 3.24 -25.10 6.45
N THR C 278 2.03 -25.58 6.76
CA THR C 278 1.63 -26.94 6.45
C THR C 278 1.64 -27.15 4.93
N SER C 279 1.30 -26.09 4.19
CA SER C 279 1.53 -26.00 2.75
C SER C 279 0.64 -27.00 1.99
N GLY C 283 -3.95 -22.10 -1.07
CA GLY C 283 -5.30 -21.49 -1.04
C GLY C 283 -6.06 -21.87 0.22
N PRO C 284 -7.09 -21.09 0.63
CA PRO C 284 -7.95 -21.45 1.75
C PRO C 284 -8.37 -22.91 1.80
N SER C 285 -8.28 -23.51 2.99
CA SER C 285 -8.67 -24.89 3.24
C SER C 285 -9.09 -25.03 4.70
N PRO C 286 -9.83 -26.11 5.08
CA PRO C 286 -10.19 -26.33 6.48
C PRO C 286 -9.00 -26.18 7.44
N LEU C 287 -7.86 -26.78 7.05
CA LEU C 287 -6.69 -26.87 7.90
C LEU C 287 -5.92 -25.56 7.89
N ALA C 288 -5.80 -24.95 6.70
CA ALA C 288 -5.06 -23.72 6.53
C ALA C 288 -5.73 -22.57 7.27
N ASN C 289 -7.08 -22.56 7.26
CA ASN C 289 -7.85 -21.55 7.94
C ASN C 289 -7.61 -21.65 9.45
N LYS C 290 -7.63 -22.88 9.97
CA LYS C 290 -7.45 -23.13 11.39
C LYS C 290 -6.03 -22.73 11.79
N GLU C 291 -5.06 -23.09 10.93
CA GLU C 291 -3.67 -22.71 11.10
C GLU C 291 -3.56 -21.20 11.26
N LEU C 292 -4.28 -20.46 10.40
CA LEU C 292 -4.23 -19.01 10.38
C LEU C 292 -4.89 -18.44 11.63
N GLY C 293 -5.96 -19.09 12.09
CA GLY C 293 -6.61 -18.70 13.33
C GLY C 293 -5.64 -18.77 14.51
N ASN C 294 -4.93 -19.90 14.59
CA ASN C 294 -3.95 -20.14 15.63
C ASN C 294 -2.81 -19.13 15.53
N PHE C 295 -2.42 -18.77 14.30
CA PHE C 295 -1.36 -17.82 14.06
C PHE C 295 -1.66 -16.51 14.79
N PHE C 296 -2.89 -16.01 14.63
CA PHE C 296 -3.25 -14.69 15.14
C PHE C 296 -3.44 -14.74 16.66
N ARG C 297 -3.92 -15.86 17.20
CA ARG C 297 -4.04 -16.03 18.64
C ARG C 297 -2.65 -15.97 19.28
N ASN C 298 -1.68 -16.64 18.65
CA ASN C 298 -0.32 -16.68 19.16
C ASN C 298 0.26 -15.27 19.21
N LEU C 299 0.01 -14.48 18.15
CA LEU C 299 0.60 -13.16 18.00
C LEU C 299 -0.05 -12.17 18.96
N TRP C 300 -1.39 -12.18 19.01
CA TRP C 300 -2.15 -11.13 19.68
C TRP C 300 -2.53 -11.54 21.10
N GLY C 301 -2.81 -12.82 21.30
CA GLY C 301 -3.16 -13.34 22.61
C GLY C 301 -4.65 -13.65 22.70
N PRO C 302 -5.26 -13.48 23.91
CA PRO C 302 -6.62 -13.96 24.15
C PRO C 302 -7.76 -13.10 23.60
N TYR C 303 -7.44 -11.90 23.09
CA TYR C 303 -8.44 -11.03 22.50
C TYR C 303 -8.13 -10.85 21.01
N ALA C 304 -7.73 -11.95 20.35
CA ALA C 304 -7.30 -11.90 18.96
C ALA C 304 -8.42 -11.43 18.05
N GLY C 305 -9.63 -11.98 18.28
CA GLY C 305 -10.81 -11.61 17.52
C GLY C 305 -11.08 -10.09 17.51
N TRP C 306 -10.84 -9.47 18.67
CA TRP C 306 -11.06 -8.04 18.83
C TRP C 306 -10.01 -7.27 18.03
N ALA C 307 -8.77 -7.76 18.06
CA ALA C 307 -7.68 -7.16 17.30
C ALA C 307 -8.00 -7.21 15.83
N GLN C 308 -8.52 -8.36 15.36
CA GLN C 308 -8.93 -8.53 13.97
C GLN C 308 -9.95 -7.45 13.60
N ALA C 309 -10.92 -7.21 14.51
CA ALA C 309 -11.97 -6.25 14.25
C ALA C 309 -11.39 -4.87 13.96
N VAL C 310 -10.26 -4.55 14.59
CA VAL C 310 -9.59 -3.27 14.39
C VAL C 310 -9.07 -3.22 12.95
N LEU C 311 -8.39 -4.29 12.51
CA LEU C 311 -7.82 -4.34 11.18
C LEU C 311 -8.93 -4.27 10.13
N PHE C 312 -10.02 -5.00 10.37
CA PHE C 312 -11.16 -5.02 9.46
C PHE C 312 -11.73 -3.62 9.26
N SER C 313 -11.90 -2.90 10.38
CA SER C 313 -12.45 -1.55 10.35
C SER C 313 -11.48 -0.57 9.66
N ALA C 314 -10.19 -0.91 9.67
CA ALA C 314 -9.16 -0.04 9.09
C ALA C 314 -8.96 -0.35 7.61
N ASP C 315 -9.64 -1.38 7.10
CA ASP C 315 -9.46 -1.81 5.73
C ASP C 315 -10.64 -1.33 4.87
N LEU C 316 -11.82 -1.22 5.49
CA LEU C 316 -13.00 -0.72 4.79
C LEU C 316 -12.84 0.79 4.62
#